data_4XOI
#
_entry.id   4XOI
#
_cell.length_a   54.311
_cell.length_b   52.434
_cell.length_c   103.101
_cell.angle_alpha   77.87
_cell.angle_beta   74.14
_cell.angle_gamma   85.73
#
_symmetry.space_group_name_H-M   'P 1'
#
loop_
_entity.id
_entity.type
_entity.pdbx_description
1 polymer 'Transforming protein RhoA'
2 polymer 'Actin-binding protein anillin'
3 non-polymer "GUANOSINE-5'-TRIPHOSPHATE"
4 non-polymer 'MAGNESIUM ION'
5 water water
#
loop_
_entity_poly.entity_id
_entity_poly.type
_entity_poly.pdbx_seq_one_letter_code
_entity_poly.pdbx_strand_id
1 'polypeptide(L)'
;MAAIRKKLVIVGDGACGKTCLLIVNSKDQFPEVYVPTVFENYVADIEVDGKQVELALWDTAGLEDYDRLRPLSYPDTDVI
LMCFSIDSPDSLENIPEKWTPEVKHFCPNVPIILVGNKKDLRNDEHTRRELAKMKQEPVKPEEGRDMANRIGAFGYMECS
AKTKDGVREVFEMATRAALQ
;
A,C
2 'polypeptide(L)'
;CQVNIKQKMQELNNEINMQQTVIYQASQALNCCVDEEHGKGSLEEAEAERLLLIATGKRTLLIDELNKLKNEGPQRKNKA
SPQSEFMPSKGSVTLSEIRLPLKADFVCSTVQKPDAANYYYLIILKAGAENMVATPLASTSNSLNGDALTFTTTFTLQDV
SNDFEINIEVYSLVQKKDPSGLDKKKKTSKSKAITPKRLLTSITTKSNIHSSVMASPGGLSAVRTSNFALVGSYTLSLSS
VGNTKFVLDKVPFLSSLEGHIYLKIKCQVN
;
B,D
#
# COMPACT_ATOMS: atom_id res chain seq x y z
N ILE A 4 -42.27 -25.78 13.10
CA ILE A 4 -41.06 -25.44 13.85
C ILE A 4 -39.96 -25.03 12.88
N ARG A 5 -39.47 -23.81 13.04
CA ARG A 5 -38.39 -23.31 12.20
C ARG A 5 -37.11 -23.28 12.99
N LYS A 6 -36.03 -23.79 12.39
CA LYS A 6 -34.69 -23.69 12.98
C LYS A 6 -33.70 -23.27 11.91
N LYS A 7 -32.75 -22.44 12.32
CA LYS A 7 -31.71 -21.96 11.42
C LYS A 7 -30.40 -22.71 11.65
N LEU A 8 -29.88 -23.31 10.59
CA LEU A 8 -28.60 -23.98 10.63
C LEU A 8 -27.56 -23.22 9.82
N VAL A 9 -26.37 -23.07 10.37
CA VAL A 9 -25.27 -22.42 9.65
C VAL A 9 -24.11 -23.39 9.52
N ILE A 10 -23.53 -23.47 8.33
CA ILE A 10 -22.43 -24.38 8.11
C ILE A 10 -21.16 -23.59 7.82
N VAL A 11 -20.06 -23.97 8.48
CA VAL A 11 -18.79 -23.28 8.28
C VAL A 11 -17.67 -24.29 8.21
N GLY A 12 -16.56 -23.88 7.63
CA GLY A 12 -15.38 -24.73 7.52
C GLY A 12 -14.46 -24.20 6.43
N ASP A 13 -13.26 -24.76 6.36
CA ASP A 13 -12.26 -24.37 5.35
C ASP A 13 -12.80 -24.46 3.93
N GLY A 14 -12.20 -23.67 3.04
CA GLY A 14 -12.55 -23.68 1.64
C GLY A 14 -12.46 -25.07 1.03
N ALA A 15 -13.49 -25.42 0.26
CA ALA A 15 -13.54 -26.68 -0.48
C ALA A 15 -13.59 -27.94 0.38
N CYS A 16 -13.90 -27.79 1.68
CA CYS A 16 -13.97 -28.95 2.55
C CYS A 16 -15.32 -29.70 2.43
N GLY A 17 -16.19 -29.24 1.54
CA GLY A 17 -17.40 -29.96 1.19
C GLY A 17 -18.72 -29.49 1.81
N LYS A 18 -18.75 -28.24 2.28
CA LYS A 18 -19.95 -27.68 2.90
C LYS A 18 -21.13 -27.67 1.94
N THR A 19 -20.95 -27.13 0.74
CA THR A 19 -22.07 -26.93 -0.18
C THR A 19 -22.59 -28.25 -0.75
N CYS A 20 -21.69 -29.15 -1.06
CA CYS A 20 -22.10 -30.46 -1.54
C CYS A 20 -22.92 -31.20 -0.48
N LEU A 21 -22.57 -31.01 0.78
CA LEU A 21 -23.30 -31.65 1.87
C LEU A 21 -24.71 -31.08 1.92
N LEU A 22 -24.82 -29.75 1.89
CA LEU A 22 -26.13 -29.10 1.92
C LEU A 22 -26.99 -29.47 0.72
N ILE A 23 -26.40 -29.53 -0.46
CA ILE A 23 -27.16 -29.78 -1.68
C ILE A 23 -27.62 -31.24 -1.80
N VAL A 24 -26.79 -32.17 -1.36
CA VAL A 24 -27.17 -33.57 -1.33
C VAL A 24 -28.30 -33.81 -0.32
N ASN A 25 -28.24 -33.13 0.83
CA ASN A 25 -29.31 -33.22 1.81
C ASN A 25 -30.63 -32.64 1.31
N SER A 26 -30.57 -31.45 0.74
CA SER A 26 -31.80 -30.74 0.38
C SER A 26 -32.37 -31.11 -0.98
N LYS A 27 -31.52 -31.53 -1.90
CA LYS A 27 -31.95 -31.76 -3.28
C LYS A 27 -31.57 -33.14 -3.80
N ASP A 28 -30.80 -33.87 -3.02
CA ASP A 28 -30.36 -35.21 -3.39
C ASP A 28 -29.46 -35.23 -4.63
N GLN A 29 -29.06 -34.05 -5.10
CA GLN A 29 -28.15 -33.92 -6.23
C GLN A 29 -26.76 -33.59 -5.72
N PHE A 30 -25.73 -34.17 -6.34
CA PHE A 30 -24.34 -33.89 -5.98
C PHE A 30 -23.69 -32.98 -7.01
N PRO A 31 -23.47 -31.71 -6.63
CA PRO A 31 -22.82 -30.72 -7.50
C PRO A 31 -21.35 -31.15 -7.81
N GLU A 32 -21.04 -31.50 -9.06
CA GLU A 32 -19.75 -32.07 -9.48
C GLU A 32 -18.66 -31.05 -9.72
N VAL A 33 -19.08 -29.93 -10.29
CA VAL A 33 -18.18 -28.80 -10.52
C VAL A 33 -18.12 -27.80 -9.34
N TYR A 34 -16.91 -27.63 -8.78
CA TYR A 34 -16.66 -26.75 -7.66
C TYR A 34 -16.86 -25.25 -7.93
N VAL A 35 -17.75 -24.63 -7.16
CA VAL A 35 -17.94 -23.20 -7.21
C VAL A 35 -17.85 -22.63 -5.81
N PRO A 36 -16.77 -21.88 -5.52
CA PRO A 36 -16.57 -21.35 -4.15
C PRO A 36 -17.73 -20.47 -3.72
N THR A 37 -18.21 -20.69 -2.49
CA THR A 37 -19.40 -20.00 -2.02
C THR A 37 -19.14 -18.59 -1.49
N VAL A 38 -20.05 -17.66 -1.79
CA VAL A 38 -20.01 -16.33 -1.21
C VAL A 38 -21.06 -16.20 -0.09
N PHE A 39 -22.26 -16.71 -0.36
CA PHE A 39 -23.40 -16.56 0.55
C PHE A 39 -24.62 -17.18 -0.11
N GLU A 40 -25.24 -18.13 0.55
CA GLU A 40 -26.27 -18.90 -0.11
C GLU A 40 -27.12 -19.63 0.91
N ASN A 41 -28.44 -19.46 0.84
CA ASN A 41 -29.36 -20.12 1.76
C ASN A 41 -30.33 -21.10 1.09
N TYR A 42 -30.61 -22.19 1.78
CA TYR A 42 -31.57 -23.18 1.29
C TYR A 42 -32.59 -23.47 2.36
N VAL A 43 -33.65 -24.14 1.97
CA VAL A 43 -34.62 -24.62 2.94
C VAL A 43 -34.86 -26.10 2.70
N ALA A 44 -34.94 -26.86 3.78
CA ALA A 44 -35.27 -28.26 3.70
C ALA A 44 -36.18 -28.62 4.86
N ASP A 45 -37.13 -29.51 4.59
CA ASP A 45 -38.00 -30.04 5.62
C ASP A 45 -37.44 -31.38 6.11
N ILE A 46 -37.63 -31.64 7.39
CA ILE A 46 -37.15 -32.87 8.00
C ILE A 46 -37.99 -33.21 9.22
N GLU A 47 -38.17 -34.50 9.48
CA GLU A 47 -38.88 -34.93 10.66
C GLU A 47 -37.94 -35.79 11.50
N VAL A 48 -37.71 -35.38 12.74
CA VAL A 48 -36.92 -36.18 13.66
C VAL A 48 -37.67 -36.39 14.97
N ASP A 49 -37.61 -37.60 15.51
CA ASP A 49 -38.31 -37.92 16.75
C ASP A 49 -39.79 -37.53 16.69
N GLY A 50 -40.38 -37.70 15.51
CA GLY A 50 -41.80 -37.42 15.32
C GLY A 50 -42.11 -35.93 15.21
N LYS A 51 -41.08 -35.10 15.22
CA LYS A 51 -41.29 -33.66 15.12
C LYS A 51 -40.87 -33.13 13.75
N GLN A 52 -41.75 -32.34 13.16
CA GLN A 52 -41.51 -31.78 11.83
C GLN A 52 -40.88 -30.41 11.94
N VAL A 53 -39.79 -30.23 11.21
CA VAL A 53 -38.98 -29.03 11.32
C VAL A 53 -38.66 -28.50 9.93
N GLU A 54 -38.80 -27.20 9.77
CA GLU A 54 -38.33 -26.55 8.56
C GLU A 54 -36.94 -26.00 8.86
N LEU A 55 -35.93 -26.61 8.24
CA LEU A 55 -34.54 -26.18 8.43
C LEU A 55 -34.12 -25.15 7.40
N ALA A 56 -33.79 -23.94 7.87
CA ALA A 56 -33.10 -22.98 6.99
C ALA A 56 -31.61 -23.29 7.00
N LEU A 57 -31.06 -23.50 5.81
CA LEU A 57 -29.66 -23.87 5.67
C LEU A 57 -28.86 -22.68 5.15
N TRP A 58 -28.04 -22.09 6.01
CA TRP A 58 -27.22 -20.94 5.62
C TRP A 58 -25.80 -21.39 5.28
N ASP A 59 -25.43 -21.25 4.01
CA ASP A 59 -24.13 -21.66 3.51
C ASP A 59 -23.20 -20.44 3.54
N THR A 60 -21.92 -20.66 3.81
CA THR A 60 -20.96 -19.59 3.98
C THR A 60 -19.69 -19.87 3.18
N ALA A 61 -18.89 -18.82 2.99
CA ALA A 61 -17.62 -18.94 2.28
C ALA A 61 -16.53 -19.49 3.20
N GLY A 62 -15.75 -20.45 2.69
CA GLY A 62 -14.53 -20.87 3.36
C GLY A 62 -13.34 -20.12 2.77
N LEU A 63 -13.53 -19.54 1.59
CA LEU A 63 -12.43 -18.97 0.80
C LEU A 63 -12.15 -17.48 1.06
N GLU A 64 -10.87 -17.14 1.20
CA GLU A 64 -10.40 -15.80 1.56
C GLU A 64 -11.01 -14.61 0.79
N ASP A 65 -11.12 -14.72 -0.53
CA ASP A 65 -11.67 -13.65 -1.35
C ASP A 65 -13.05 -13.20 -0.86
N TYR A 66 -13.78 -14.14 -0.29
CA TYR A 66 -15.23 -14.00 -0.08
C TYR A 66 -15.64 -14.03 1.38
N ASP A 67 -14.69 -14.14 2.29
CA ASP A 67 -15.00 -14.49 3.68
C ASP A 67 -15.31 -13.30 4.58
N ARG A 68 -15.49 -12.12 4.00
CA ARG A 68 -15.70 -10.91 4.80
C ARG A 68 -17.18 -10.73 5.13
N LEU A 69 -18.02 -11.55 4.54
CA LEU A 69 -19.47 -11.47 4.71
C LEU A 69 -19.95 -12.41 5.79
N ARG A 70 -19.09 -13.36 6.16
CA ARG A 70 -19.52 -14.47 7.00
C ARG A 70 -20.35 -14.05 8.21
N PRO A 71 -19.97 -12.94 8.87
CA PRO A 71 -20.80 -12.50 10.00
C PRO A 71 -22.27 -12.24 9.66
N LEU A 72 -22.59 -11.95 8.40
CA LEU A 72 -23.99 -11.75 8.01
C LEU A 72 -24.84 -13.00 8.20
N SER A 73 -24.20 -14.16 8.32
CA SER A 73 -24.96 -15.41 8.35
C SER A 73 -25.25 -15.88 9.78
N TYR A 74 -24.55 -15.30 10.75
CA TYR A 74 -24.59 -15.78 12.14
C TYR A 74 -25.83 -15.45 12.98
N PRO A 75 -26.49 -14.32 12.75
CA PRO A 75 -27.65 -13.96 13.58
C PRO A 75 -28.75 -15.02 13.62
N ASP A 76 -29.28 -15.27 14.81
CA ASP A 76 -30.46 -16.11 14.99
C ASP A 76 -30.19 -17.59 14.73
N THR A 77 -28.93 -17.99 14.77
CA THR A 77 -28.58 -19.37 14.50
C THR A 77 -29.00 -20.28 15.65
N ASP A 78 -29.56 -21.45 15.30
CA ASP A 78 -29.97 -22.42 16.31
C ASP A 78 -28.97 -23.57 16.41
N VAL A 79 -28.21 -23.79 15.34
CA VAL A 79 -27.25 -24.88 15.34
C VAL A 79 -26.17 -24.67 14.29
N ILE A 80 -24.93 -25.04 14.63
CA ILE A 80 -23.80 -24.89 13.72
C ILE A 80 -23.30 -26.24 13.23
N LEU A 81 -23.07 -26.36 11.92
CA LEU A 81 -22.27 -27.46 11.41
C LEU A 81 -20.87 -26.94 11.14
N MET A 82 -19.90 -27.44 11.91
CA MET A 82 -18.51 -27.05 11.76
C MET A 82 -17.76 -28.16 11.04
N CYS A 83 -17.29 -27.87 9.82
CA CYS A 83 -16.80 -28.92 8.94
C CYS A 83 -15.30 -28.93 8.73
N PHE A 84 -14.75 -30.12 8.56
CA PHE A 84 -13.42 -30.29 8.00
C PHE A 84 -13.54 -31.45 7.03
N SER A 85 -12.50 -31.66 6.24
CA SER A 85 -12.49 -32.73 5.27
C SER A 85 -11.57 -33.82 5.78
N ILE A 86 -12.01 -35.07 5.60
CA ILE A 86 -11.26 -36.21 6.12
C ILE A 86 -9.91 -36.35 5.40
N ASP A 87 -9.80 -35.77 4.20
CA ASP A 87 -8.53 -35.81 3.48
C ASP A 87 -7.62 -34.63 3.77
N SER A 88 -8.01 -33.80 4.74
CA SER A 88 -7.20 -32.63 5.08
C SER A 88 -7.07 -32.40 6.59
N PRO A 89 -6.02 -32.97 7.20
CA PRO A 89 -5.75 -32.73 8.62
C PRO A 89 -5.50 -31.26 8.88
N ASP A 90 -5.10 -30.52 7.85
CA ASP A 90 -4.91 -29.09 7.98
C ASP A 90 -6.23 -28.42 8.27
N SER A 91 -7.28 -28.90 7.62
CA SER A 91 -8.63 -28.41 7.84
C SER A 91 -9.14 -28.82 9.24
N LEU A 92 -8.77 -30.01 9.69
CA LEU A 92 -9.12 -30.44 11.05
C LEU A 92 -8.37 -29.55 12.03
N GLU A 93 -7.09 -29.33 11.74
CA GLU A 93 -6.27 -28.43 12.53
C GLU A 93 -6.92 -27.06 12.73
N ASN A 94 -7.57 -26.54 11.68
CA ASN A 94 -8.14 -25.19 11.72
C ASN A 94 -9.36 -25.04 12.63
N ILE A 95 -9.95 -26.16 13.01
CA ILE A 95 -11.16 -26.15 13.84
C ILE A 95 -10.96 -25.37 15.14
N PRO A 96 -9.97 -25.79 15.96
CA PRO A 96 -9.74 -25.09 17.23
C PRO A 96 -9.08 -23.73 17.04
N GLU A 97 -8.20 -23.60 16.04
CA GLU A 97 -7.48 -22.36 15.78
C GLU A 97 -8.37 -21.16 15.42
N LYS A 98 -9.22 -21.33 14.41
CA LYS A 98 -10.02 -20.21 13.93
C LYS A 98 -11.53 -20.43 14.02
N TRP A 99 -12.00 -21.59 13.58
CA TRP A 99 -13.45 -21.79 13.42
C TRP A 99 -14.19 -21.74 14.75
N THR A 100 -13.68 -22.47 15.75
CA THR A 100 -14.27 -22.51 17.09
C THR A 100 -14.33 -21.14 17.75
N PRO A 101 -13.21 -20.40 17.74
CA PRO A 101 -13.23 -19.06 18.34
C PRO A 101 -14.21 -18.13 17.63
N GLU A 102 -14.21 -18.14 16.31
CA GLU A 102 -15.14 -17.30 15.56
C GLU A 102 -16.58 -17.66 15.90
N VAL A 103 -16.92 -18.94 15.82
CA VAL A 103 -18.30 -19.35 16.05
C VAL A 103 -18.76 -19.04 17.47
N LYS A 104 -17.93 -19.41 18.46
CA LYS A 104 -18.25 -19.14 19.86
C LYS A 104 -18.47 -17.65 20.11
N HIS A 105 -17.73 -16.81 19.42
CA HIS A 105 -17.91 -15.37 19.56
C HIS A 105 -19.22 -14.89 18.96
N PHE A 106 -19.52 -15.32 17.75
CA PHE A 106 -20.72 -14.86 17.07
C PHE A 106 -21.96 -15.65 17.50
N CYS A 107 -21.74 -16.88 17.93
CA CYS A 107 -22.83 -17.78 18.30
C CYS A 107 -22.60 -18.42 19.67
N PRO A 108 -22.54 -17.59 20.73
CA PRO A 108 -22.07 -17.92 22.07
C PRO A 108 -22.48 -19.30 22.60
N ASN A 109 -23.77 -19.59 22.62
CA ASN A 109 -24.24 -20.82 23.25
C ASN A 109 -24.98 -21.74 22.29
N VAL A 110 -24.74 -21.54 21.00
CA VAL A 110 -25.34 -22.38 19.97
C VAL A 110 -24.60 -23.71 19.89
N PRO A 111 -25.33 -24.82 19.84
CA PRO A 111 -24.63 -26.11 19.76
C PRO A 111 -23.90 -26.32 18.43
N ILE A 112 -22.77 -27.02 18.51
CA ILE A 112 -21.94 -27.28 17.35
C ILE A 112 -21.89 -28.77 17.07
N ILE A 113 -22.09 -29.14 15.81
CA ILE A 113 -21.86 -30.51 15.36
C ILE A 113 -20.56 -30.51 14.59
N LEU A 114 -19.59 -31.30 15.03
CA LEU A 114 -18.34 -31.43 14.26
C LEU A 114 -18.54 -32.51 13.21
N VAL A 115 -18.26 -32.16 11.96
CA VAL A 115 -18.56 -33.04 10.84
C VAL A 115 -17.33 -33.28 9.96
N GLY A 116 -16.94 -34.54 9.83
CA GLY A 116 -15.86 -34.90 8.93
C GLY A 116 -16.43 -35.24 7.57
N ASN A 117 -16.14 -34.40 6.58
CA ASN A 117 -16.65 -34.59 5.23
C ASN A 117 -15.75 -35.48 4.37
N LYS A 118 -16.28 -35.95 3.24
CA LYS A 118 -15.53 -36.76 2.28
C LYS A 118 -15.00 -38.07 2.91
N LYS A 119 -15.89 -38.78 3.60
CA LYS A 119 -15.56 -40.04 4.26
C LYS A 119 -15.00 -41.03 3.23
N ASP A 120 -15.54 -40.98 2.02
CA ASP A 120 -15.15 -41.90 0.96
C ASP A 120 -13.69 -41.78 0.56
N LEU A 121 -13.03 -40.73 1.03
CA LEU A 121 -11.62 -40.49 0.68
C LEU A 121 -10.64 -41.04 1.69
N ARG A 122 -11.16 -41.73 2.70
CA ARG A 122 -10.29 -42.30 3.74
C ARG A 122 -9.54 -43.51 3.19
N ASN A 123 -10.18 -44.26 2.31
CA ASN A 123 -9.51 -45.35 1.59
C ASN A 123 -9.34 -44.96 0.12
N ASP A 124 -8.41 -44.03 -0.13
CA ASP A 124 -8.24 -43.42 -1.43
C ASP A 124 -6.78 -43.38 -1.85
N GLU A 125 -6.44 -44.16 -2.88
CA GLU A 125 -5.09 -44.21 -3.41
C GLU A 125 -4.48 -42.81 -3.53
N HIS A 126 -5.23 -41.92 -4.17
CA HIS A 126 -4.74 -40.58 -4.48
C HIS A 126 -4.46 -39.72 -3.24
N THR A 127 -5.30 -39.85 -2.22
CA THR A 127 -5.19 -39.05 -0.99
C THR A 127 -3.99 -39.43 -0.14
N ARG A 128 -3.71 -40.72 -0.05
CA ARG A 128 -2.53 -41.19 0.69
C ARG A 128 -1.29 -40.52 0.12
N ARG A 129 -1.24 -40.50 -1.21
CA ARG A 129 -0.12 -39.94 -1.94
C ARG A 129 0.08 -38.47 -1.60
N GLU A 130 -0.94 -37.66 -1.85
CA GLU A 130 -0.83 -36.22 -1.59
C GLU A 130 -0.35 -35.99 -0.17
N LEU A 131 -0.99 -36.68 0.77
CA LEU A 131 -0.72 -36.50 2.19
C LEU A 131 0.63 -37.07 2.62
N ALA A 132 1.02 -38.21 2.05
CA ALA A 132 2.35 -38.77 2.31
C ALA A 132 3.44 -37.72 2.05
N LYS A 133 3.35 -37.04 0.91
CA LYS A 133 4.24 -35.92 0.57
C LYS A 133 4.26 -34.86 1.67
N MET A 134 3.09 -34.64 2.27
CA MET A 134 2.92 -33.69 3.36
C MET A 134 3.20 -34.36 4.70
N LYS A 135 3.51 -35.65 4.66
CA LYS A 135 3.65 -36.50 5.85
C LYS A 135 2.33 -36.77 6.52
N GLN A 136 1.23 -36.62 5.79
CA GLN A 136 -0.05 -36.61 6.44
C GLN A 136 -0.61 -37.98 6.38
N GLU A 137 -1.51 -38.24 7.33
CA GLU A 137 -2.31 -39.44 7.38
C GLU A 137 -3.76 -38.97 7.36
N PRO A 138 -4.54 -39.44 6.39
CA PRO A 138 -5.99 -39.21 6.29
C PRO A 138 -6.62 -39.34 7.67
N VAL A 139 -7.53 -38.43 8.01
CA VAL A 139 -8.07 -38.36 9.37
C VAL A 139 -8.77 -39.64 9.84
N LYS A 140 -8.52 -40.01 11.09
CA LYS A 140 -9.13 -41.19 11.69
C LYS A 140 -10.27 -40.80 12.62
N PRO A 141 -11.34 -41.62 12.63
CA PRO A 141 -12.56 -41.34 13.39
C PRO A 141 -12.24 -40.86 14.80
N GLU A 142 -11.28 -41.52 15.45
CA GLU A 142 -10.89 -41.19 16.82
C GLU A 142 -10.38 -39.77 16.93
N GLU A 143 -9.63 -39.33 15.91
CA GLU A 143 -9.10 -37.98 15.86
C GLU A 143 -10.25 -36.97 15.82
N GLY A 144 -11.22 -37.23 14.96
CA GLY A 144 -12.42 -36.41 14.89
C GLY A 144 -13.15 -36.33 16.21
N ARG A 145 -13.52 -37.49 16.75
CA ARG A 145 -14.21 -37.55 18.03
C ARG A 145 -13.46 -36.77 19.12
N ASP A 146 -12.13 -36.90 19.10
CA ASP A 146 -11.31 -36.25 20.11
C ASP A 146 -11.38 -34.73 20.01
N MET A 147 -11.23 -34.21 18.80
CA MET A 147 -11.41 -32.78 18.55
C MET A 147 -12.81 -32.34 18.95
N ALA A 148 -13.80 -33.16 18.60
CA ALA A 148 -15.18 -32.87 18.96
C ALA A 148 -15.31 -32.69 20.47
N ASN A 149 -14.64 -33.56 21.23
CA ASN A 149 -14.66 -33.46 22.68
C ASN A 149 -13.83 -32.29 23.17
N ARG A 150 -12.77 -32.00 22.43
CA ARG A 150 -11.89 -30.90 22.78
C ARG A 150 -12.61 -29.55 22.68
N ILE A 151 -13.41 -29.38 21.62
CA ILE A 151 -14.03 -28.09 21.33
C ILE A 151 -15.43 -27.96 21.95
N GLY A 152 -15.88 -29.03 22.60
CA GLY A 152 -17.16 -29.02 23.28
C GLY A 152 -18.36 -29.15 22.36
N ALA A 153 -18.18 -29.87 21.26
CA ALA A 153 -19.27 -30.09 20.30
C ALA A 153 -20.37 -30.99 20.87
N PHE A 154 -21.60 -30.70 20.48
CA PHE A 154 -22.76 -31.47 20.88
C PHE A 154 -22.63 -32.91 20.37
N GLY A 155 -21.90 -33.08 19.26
CA GLY A 155 -21.67 -34.41 18.73
C GLY A 155 -20.66 -34.45 17.60
N TYR A 156 -20.32 -35.65 17.16
CA TYR A 156 -19.40 -35.83 16.04
C TYR A 156 -19.98 -36.79 15.00
N MET A 157 -19.95 -36.39 13.73
CA MET A 157 -20.48 -37.21 12.64
C MET A 157 -19.53 -37.20 11.45
N GLU A 158 -19.50 -38.31 10.71
CA GLU A 158 -18.75 -38.40 9.48
C GLU A 158 -19.69 -38.73 8.32
N CYS A 159 -19.44 -38.14 7.16
CA CYS A 159 -20.31 -38.38 6.01
C CYS A 159 -19.57 -38.28 4.69
N SER A 160 -20.25 -38.68 3.62
CA SER A 160 -19.75 -38.50 2.26
C SER A 160 -20.89 -38.03 1.38
N ALA A 161 -20.89 -36.76 1.01
CA ALA A 161 -21.91 -36.24 0.11
C ALA A 161 -21.94 -37.03 -1.20
N LYS A 162 -20.76 -37.44 -1.67
CA LYS A 162 -20.67 -38.12 -2.97
C LYS A 162 -21.46 -39.44 -2.98
N THR A 163 -21.34 -40.24 -1.93
CA THR A 163 -22.09 -41.49 -1.84
C THR A 163 -23.39 -41.39 -1.03
N LYS A 164 -23.66 -40.21 -0.48
CA LYS A 164 -24.82 -39.99 0.39
C LYS A 164 -24.70 -40.61 1.78
N ASP A 165 -23.66 -41.42 1.98
CA ASP A 165 -23.46 -42.11 3.25
C ASP A 165 -23.30 -41.18 4.44
N GLY A 166 -24.18 -41.30 5.42
CA GLY A 166 -24.09 -40.54 6.67
C GLY A 166 -24.71 -39.16 6.63
N VAL A 167 -25.22 -38.75 5.48
CA VAL A 167 -25.75 -37.39 5.31
C VAL A 167 -26.98 -37.15 6.18
N ARG A 168 -27.98 -38.01 6.05
CA ARG A 168 -29.21 -37.85 6.79
C ARG A 168 -28.89 -37.76 8.28
N GLU A 169 -28.01 -38.64 8.73
CA GLU A 169 -27.63 -38.69 10.13
C GLU A 169 -27.06 -37.36 10.60
N VAL A 170 -26.29 -36.69 9.74
CA VAL A 170 -25.71 -35.42 10.12
C VAL A 170 -26.81 -34.42 10.45
N PHE A 171 -27.79 -34.32 9.56
CA PHE A 171 -28.87 -33.35 9.72
C PHE A 171 -29.90 -33.72 10.78
N GLU A 172 -30.07 -35.02 11.04
CA GLU A 172 -30.92 -35.44 12.15
C GLU A 172 -30.31 -35.02 13.49
N MET A 173 -29.01 -35.22 13.64
CA MET A 173 -28.30 -34.79 14.85
C MET A 173 -28.36 -33.28 15.02
N ALA A 174 -28.09 -32.55 13.93
CA ALA A 174 -28.14 -31.09 13.97
C ALA A 174 -29.52 -30.63 14.44
N THR A 175 -30.56 -31.28 13.94
CA THR A 175 -31.93 -30.90 14.27
C THR A 175 -32.26 -31.18 15.75
N ARG A 176 -31.80 -32.31 16.26
CA ARG A 176 -32.02 -32.63 17.67
C ARG A 176 -31.33 -31.60 18.55
N ALA A 177 -30.11 -31.23 18.16
CA ALA A 177 -29.37 -30.22 18.92
C ALA A 177 -30.12 -28.88 18.89
N ALA A 178 -30.73 -28.58 17.76
CA ALA A 178 -31.45 -27.32 17.59
C ALA A 178 -32.75 -27.29 18.38
N LEU A 179 -33.29 -28.47 18.70
CA LEU A 179 -34.54 -28.57 19.43
C LEU A 179 -34.36 -28.45 20.94
N GLN A 180 -33.20 -28.87 21.43
CA GLN A 180 -32.89 -28.79 22.86
C GLN A 180 -32.44 -27.38 23.26
N VAL B 3 -4.97 -18.63 -28.59
CA VAL B 3 -5.15 -18.98 -29.99
C VAL B 3 -5.87 -20.32 -30.15
N ASN B 4 -6.00 -21.08 -29.07
CA ASN B 4 -6.89 -22.24 -29.09
C ASN B 4 -8.31 -21.78 -28.72
N ILE B 5 -9.15 -21.55 -29.72
CA ILE B 5 -10.39 -20.82 -29.45
C ILE B 5 -11.44 -21.60 -28.65
N LYS B 6 -11.62 -22.90 -28.93
CA LYS B 6 -12.55 -23.63 -28.11
C LYS B 6 -12.18 -23.59 -26.62
N GLN B 7 -10.92 -23.85 -26.32
CA GLN B 7 -10.45 -23.85 -24.94
C GLN B 7 -10.58 -22.48 -24.29
N LYS B 8 -10.19 -21.44 -25.01
CA LYS B 8 -10.31 -20.09 -24.52
C LYS B 8 -11.78 -19.71 -24.26
N MET B 9 -12.65 -20.05 -25.19
CA MET B 9 -14.07 -19.76 -25.04
C MET B 9 -14.67 -20.48 -23.85
N GLN B 10 -14.24 -21.73 -23.64
CA GLN B 10 -14.72 -22.51 -22.50
C GLN B 10 -14.28 -21.84 -21.19
N GLU B 11 -13.03 -21.37 -21.16
CA GLU B 11 -12.52 -20.73 -19.94
C GLU B 11 -13.22 -19.39 -19.67
N LEU B 12 -13.44 -18.60 -20.71
CA LEU B 12 -14.16 -17.33 -20.57
C LEU B 12 -15.58 -17.58 -20.10
N ASN B 13 -16.28 -18.50 -20.74
CA ASN B 13 -17.62 -18.89 -20.36
C ASN B 13 -17.74 -19.41 -18.91
N ASN B 14 -16.85 -20.31 -18.50
CA ASN B 14 -16.82 -20.81 -17.14
C ASN B 14 -16.61 -19.68 -16.14
N GLU B 15 -15.78 -18.72 -16.52
CA GLU B 15 -15.50 -17.59 -15.64
C GLU B 15 -16.70 -16.62 -15.58
N ILE B 16 -17.38 -16.44 -16.70
CA ILE B 16 -18.60 -15.64 -16.73
C ILE B 16 -19.64 -16.23 -15.77
N ASN B 17 -19.87 -17.55 -15.87
CA ASN B 17 -20.82 -18.21 -14.95
C ASN B 17 -20.41 -18.05 -13.51
N MET B 18 -19.11 -18.16 -13.24
N MET B 18 -19.11 -18.15 -13.27
CA MET B 18 -18.61 -17.97 -11.88
CA MET B 18 -18.57 -17.97 -11.92
C MET B 18 -18.90 -16.56 -11.38
C MET B 18 -18.90 -16.58 -11.39
N GLN B 19 -18.64 -15.55 -12.22
CA GLN B 19 -18.91 -14.17 -11.81
C GLN B 19 -20.41 -13.94 -11.60
N GLN B 20 -21.26 -14.61 -12.38
CA GLN B 20 -22.71 -14.44 -12.21
C GLN B 20 -23.19 -15.03 -10.89
N THR B 21 -22.58 -16.13 -10.49
CA THR B 21 -22.84 -16.71 -9.19
C THR B 21 -22.41 -15.75 -8.06
N VAL B 22 -21.26 -15.10 -8.21
CA VAL B 22 -20.84 -14.13 -7.20
C VAL B 22 -21.85 -12.96 -7.17
N ILE B 23 -22.23 -12.46 -8.36
CA ILE B 23 -23.20 -11.37 -8.45
C ILE B 23 -24.53 -11.76 -7.78
N TYR B 24 -25.03 -12.94 -8.10
CA TYR B 24 -26.25 -13.42 -7.46
C TYR B 24 -26.12 -13.53 -5.94
N GLN B 25 -25.04 -14.17 -5.48
CA GLN B 25 -24.93 -14.45 -4.04
C GLN B 25 -24.61 -13.19 -3.23
N ALA B 26 -23.78 -12.30 -3.78
CA ALA B 26 -23.52 -11.03 -3.10
C ALA B 26 -24.82 -10.23 -3.01
N SER B 27 -25.65 -10.31 -4.05
CA SER B 27 -26.95 -9.66 -4.02
C SER B 27 -27.85 -10.19 -2.91
N GLN B 28 -27.87 -11.52 -2.75
CA GLN B 28 -28.66 -12.14 -1.70
C GLN B 28 -28.18 -11.71 -0.31
N ALA B 29 -26.87 -11.61 -0.15
CA ALA B 29 -26.29 -11.17 1.11
C ALA B 29 -26.76 -9.76 1.45
N LEU B 30 -26.77 -8.90 0.44
CA LEU B 30 -27.22 -7.52 0.64
C LEU B 30 -28.71 -7.48 0.97
N ASN B 31 -29.47 -8.39 0.38
CA ASN B 31 -30.91 -8.46 0.64
C ASN B 31 -31.24 -8.89 2.06
N CYS B 32 -30.29 -9.52 2.74
CA CYS B 32 -30.49 -9.91 4.14
C CYS B 32 -30.23 -8.80 5.14
N CYS B 33 -29.62 -7.71 4.68
CA CYS B 33 -29.31 -6.57 5.55
C CYS B 33 -30.55 -5.71 5.78
N VAL B 34 -31.53 -6.26 6.49
CA VAL B 34 -32.82 -5.61 6.65
C VAL B 34 -32.84 -4.56 7.77
N ASP B 35 -31.91 -4.69 8.71
CA ASP B 35 -31.80 -3.74 9.81
C ASP B 35 -30.43 -3.89 10.43
N GLU B 36 -30.18 -3.12 11.48
CA GLU B 36 -28.86 -3.04 12.07
C GLU B 36 -28.35 -4.39 12.57
N GLU B 37 -29.21 -5.11 13.28
CA GLU B 37 -28.87 -6.41 13.81
C GLU B 37 -28.42 -7.33 12.67
N HIS B 38 -29.06 -7.19 11.52
CA HIS B 38 -28.85 -8.11 10.41
C HIS B 38 -27.92 -7.58 9.33
N GLY B 39 -27.21 -6.50 9.63
CA GLY B 39 -26.12 -6.04 8.79
C GLY B 39 -26.30 -4.73 8.05
N LYS B 40 -27.45 -4.10 8.22
CA LYS B 40 -27.68 -2.82 7.56
C LYS B 40 -26.71 -1.79 8.11
N GLY B 41 -26.05 -1.07 7.20
CA GLY B 41 -25.07 -0.05 7.56
C GLY B 41 -23.75 -0.59 8.07
N SER B 42 -23.58 -1.92 8.00
CA SER B 42 -22.38 -2.57 8.53
C SER B 42 -21.21 -2.61 7.54
N LEU B 43 -20.03 -2.96 8.05
CA LEU B 43 -18.87 -3.19 7.20
C LEU B 43 -19.12 -4.34 6.21
N GLU B 44 -19.79 -5.38 6.68
CA GLU B 44 -20.06 -6.56 5.87
C GLU B 44 -20.93 -6.20 4.68
N GLU B 45 -21.86 -5.27 4.89
CA GLU B 45 -22.68 -4.74 3.80
C GLU B 45 -21.81 -4.04 2.77
N ALA B 46 -20.85 -3.24 3.24
CA ALA B 46 -19.91 -2.56 2.33
C ALA B 46 -19.03 -3.56 1.57
N GLU B 47 -18.62 -4.63 2.24
CA GLU B 47 -17.80 -5.66 1.60
C GLU B 47 -18.62 -6.40 0.54
N ALA B 48 -19.91 -6.58 0.81
CA ALA B 48 -20.78 -7.23 -0.18
C ALA B 48 -20.99 -6.32 -1.38
N GLU B 49 -21.18 -5.02 -1.13
CA GLU B 49 -21.29 -4.04 -2.21
C GLU B 49 -20.04 -4.10 -3.08
N ARG B 50 -18.88 -4.25 -2.44
CA ARG B 50 -17.61 -4.31 -3.15
C ARG B 50 -17.50 -5.60 -4.01
N LEU B 51 -17.80 -6.75 -3.43
CA LEU B 51 -17.81 -8.00 -4.19
C LEU B 51 -18.73 -7.91 -5.40
N LEU B 52 -19.91 -7.36 -5.18
CA LEU B 52 -20.90 -7.20 -6.24
C LEU B 52 -20.34 -6.33 -7.35
N LEU B 53 -19.72 -5.21 -6.98
CA LEU B 53 -19.17 -4.30 -7.99
C LEU B 53 -18.09 -5.00 -8.82
N ILE B 54 -17.18 -5.69 -8.14
CA ILE B 54 -16.04 -6.33 -8.82
C ILE B 54 -16.49 -7.39 -9.83
N ALA B 55 -17.42 -8.23 -9.39
CA ALA B 55 -17.86 -9.36 -10.22
C ALA B 55 -18.66 -8.87 -11.43
N THR B 56 -19.40 -7.79 -11.22
CA THR B 56 -20.16 -7.15 -12.29
C THR B 56 -19.19 -6.61 -13.34
N GLY B 57 -18.15 -5.94 -12.88
CA GLY B 57 -17.14 -5.39 -13.78
C GLY B 57 -16.36 -6.47 -14.51
N LYS B 58 -15.94 -7.49 -13.77
CA LYS B 58 -15.22 -8.61 -14.35
C LYS B 58 -16.12 -9.31 -15.39
N ARG B 59 -17.37 -9.57 -15.04
CA ARG B 59 -18.30 -10.19 -15.97
C ARG B 59 -18.37 -9.44 -17.30
N THR B 60 -18.47 -8.11 -17.21
CA THR B 60 -18.57 -7.27 -18.39
C THR B 60 -17.32 -7.43 -19.26
N LEU B 61 -16.13 -7.47 -18.64
CA LEU B 61 -14.89 -7.62 -19.39
C LEU B 61 -14.82 -8.97 -20.09
N LEU B 62 -15.27 -10.01 -19.40
CA LEU B 62 -15.19 -11.37 -19.93
C LEU B 62 -16.12 -11.50 -21.13
N ILE B 63 -17.31 -10.92 -21.01
CA ILE B 63 -18.28 -11.00 -22.10
C ILE B 63 -17.77 -10.25 -23.33
N ASP B 64 -17.14 -9.09 -23.12
CA ASP B 64 -16.52 -8.32 -24.21
C ASP B 64 -15.40 -9.09 -24.89
N GLU B 65 -14.56 -9.75 -24.09
CA GLU B 65 -13.49 -10.58 -24.67
C GLU B 65 -14.02 -11.77 -25.48
N LEU B 66 -15.01 -12.46 -24.93
CA LEU B 66 -15.62 -13.62 -25.59
C LEU B 66 -16.27 -13.20 -26.90
N ASN B 67 -17.01 -12.10 -26.87
CA ASN B 67 -17.62 -11.56 -28.07
C ASN B 67 -16.59 -11.23 -29.16
N LYS B 68 -15.43 -10.71 -28.77
CA LYS B 68 -14.34 -10.49 -29.71
C LYS B 68 -13.88 -11.81 -30.34
N LEU B 69 -13.61 -12.80 -29.50
CA LEU B 69 -13.12 -14.09 -29.96
C LEU B 69 -14.04 -14.69 -31.01
N LYS B 70 -15.35 -14.59 -30.75
CA LYS B 70 -16.31 -15.25 -31.60
C LYS B 70 -16.57 -14.45 -32.88
N ASN B 71 -16.20 -13.18 -32.88
CA ASN B 71 -16.30 -12.34 -34.07
C ASN B 71 -14.95 -12.21 -34.78
N GLU B 72 -14.43 -13.34 -35.23
CA GLU B 72 -13.21 -13.38 -36.01
C GLU B 72 -13.27 -14.50 -37.06
N MET B 87 10.80 -8.32 -31.40
CA MET B 87 11.17 -6.96 -31.79
C MET B 87 11.20 -5.99 -30.61
N PRO B 88 10.01 -5.64 -30.08
CA PRO B 88 9.96 -4.58 -29.05
C PRO B 88 10.36 -5.09 -27.66
N SER B 89 11.09 -4.27 -26.92
CA SER B 89 11.47 -4.62 -25.56
C SER B 89 10.25 -4.87 -24.68
N LYS B 90 10.27 -5.99 -23.98
CA LYS B 90 9.16 -6.38 -23.11
C LYS B 90 9.59 -6.28 -21.65
N GLY B 91 8.67 -5.83 -20.80
CA GLY B 91 8.96 -5.70 -19.39
C GLY B 91 7.73 -5.71 -18.52
N SER B 92 7.93 -5.40 -17.24
CA SER B 92 6.83 -5.31 -16.29
C SER B 92 6.50 -3.85 -15.99
N VAL B 93 5.25 -3.60 -15.60
CA VAL B 93 4.87 -2.27 -15.13
C VAL B 93 4.31 -2.42 -13.73
N THR B 94 4.83 -1.62 -12.81
CA THR B 94 4.44 -1.73 -11.41
C THR B 94 3.87 -0.42 -10.85
N LEU B 95 2.66 -0.49 -10.30
CA LEU B 95 2.02 0.66 -9.66
C LEU B 95 2.00 0.49 -8.15
N SER B 96 2.29 1.56 -7.42
CA SER B 96 2.29 1.47 -5.97
C SER B 96 2.01 2.79 -5.30
N GLU B 97 1.83 2.74 -3.98
CA GLU B 97 1.56 3.92 -3.15
C GLU B 97 0.45 4.78 -3.73
N ILE B 98 -0.67 4.14 -4.02
CA ILE B 98 -1.82 4.86 -4.54
C ILE B 98 -2.44 5.68 -3.41
N ARG B 99 -2.64 6.97 -3.66
CA ARG B 99 -3.32 7.83 -2.71
C ARG B 99 -4.33 8.70 -3.41
N LEU B 100 -5.47 8.90 -2.74
CA LEU B 100 -6.58 9.66 -3.31
C LEU B 100 -6.93 10.87 -2.44
N PRO B 101 -6.53 12.07 -2.87
CA PRO B 101 -6.78 13.26 -2.08
C PRO B 101 -8.26 13.69 -2.11
N LEU B 102 -8.75 14.14 -0.97
CA LEU B 102 -10.13 14.61 -0.83
C LEU B 102 -10.10 16.08 -0.47
N LYS B 103 -11.21 16.77 -0.76
CA LYS B 103 -11.29 18.20 -0.48
C LYS B 103 -11.19 18.44 1.03
N ALA B 104 -10.52 19.51 1.43
CA ALA B 104 -10.37 19.87 2.84
C ALA B 104 -11.70 20.06 3.56
N ASP B 105 -12.65 20.70 2.91
CA ASP B 105 -13.92 20.93 3.59
C ASP B 105 -14.63 19.59 3.83
N PHE B 106 -14.50 18.65 2.89
CA PHE B 106 -15.06 17.32 3.12
C PHE B 106 -14.38 16.59 4.28
N VAL B 107 -13.05 16.66 4.33
CA VAL B 107 -12.31 16.05 5.42
C VAL B 107 -12.76 16.64 6.75
N CYS B 108 -12.91 17.96 6.82
CA CYS B 108 -13.39 18.59 8.04
C CYS B 108 -14.77 18.09 8.46
N SER B 109 -15.61 17.85 7.47
CA SER B 109 -16.96 17.32 7.71
C SER B 109 -16.93 15.93 8.39
N THR B 110 -15.98 15.10 8.00
CA THR B 110 -15.90 13.76 8.57
C THR B 110 -15.42 13.84 10.01
N VAL B 111 -14.73 14.91 10.33
CA VAL B 111 -14.19 15.10 11.67
C VAL B 111 -15.23 15.66 12.62
N GLN B 112 -15.97 16.66 12.17
CA GLN B 112 -16.96 17.30 13.03
C GLN B 112 -18.29 16.56 13.07
N LYS B 113 -18.61 15.85 12.00
CA LYS B 113 -19.87 15.11 11.94
C LYS B 113 -19.62 13.65 11.58
N PRO B 114 -18.92 12.93 12.47
CA PRO B 114 -18.45 11.57 12.14
C PRO B 114 -19.53 10.48 12.18
N ASP B 115 -20.70 10.78 12.75
CA ASP B 115 -21.78 9.80 12.80
C ASP B 115 -22.74 9.98 11.63
N ALA B 116 -22.52 11.03 10.84
CA ALA B 116 -23.37 11.32 9.69
C ALA B 116 -23.48 10.12 8.76
N ALA B 117 -22.33 9.58 8.36
CA ALA B 117 -22.30 8.51 7.38
C ALA B 117 -20.96 7.81 7.40
N ASN B 118 -20.91 6.64 6.75
CA ASN B 118 -19.63 6.00 6.46
C ASN B 118 -19.31 6.20 4.99
N TYR B 119 -18.12 6.72 4.70
CA TYR B 119 -17.72 6.88 3.32
C TYR B 119 -16.64 5.87 3.00
N TYR B 120 -16.91 5.00 2.04
CA TYR B 120 -15.94 4.02 1.57
C TYR B 120 -15.49 4.34 0.15
N TYR B 121 -14.25 3.97 -0.15
CA TYR B 121 -13.73 4.14 -1.48
C TYR B 121 -12.99 2.88 -1.84
N LEU B 122 -12.84 2.65 -3.14
CA LEU B 122 -11.96 1.59 -3.62
C LEU B 122 -11.53 1.94 -5.05
N ILE B 123 -10.42 1.35 -5.46
CA ILE B 123 -9.86 1.59 -6.78
C ILE B 123 -9.82 0.29 -7.53
N ILE B 124 -10.29 0.32 -8.77
CA ILE B 124 -10.13 -0.85 -9.63
C ILE B 124 -9.09 -0.57 -10.70
N LEU B 125 -8.14 -1.48 -10.83
CA LEU B 125 -7.12 -1.35 -11.86
C LEU B 125 -7.33 -2.47 -12.87
N LYS B 126 -7.33 -2.12 -14.15
CA LYS B 126 -7.46 -3.18 -15.15
C LYS B 126 -6.59 -3.01 -16.40
N ALA B 127 -6.12 -4.16 -16.87
CA ALA B 127 -5.50 -4.27 -18.17
C ALA B 127 -6.06 -5.55 -18.75
N GLY B 128 -7.38 -5.59 -18.90
CA GLY B 128 -8.06 -6.78 -19.39
C GLY B 128 -8.66 -7.63 -18.28
N ALA B 129 -9.43 -8.65 -18.69
CA ALA B 129 -10.11 -9.53 -17.77
C ALA B 129 -9.09 -10.31 -16.95
N GLU B 130 -8.00 -10.69 -17.60
CA GLU B 130 -6.96 -11.47 -16.95
C GLU B 130 -6.30 -10.68 -15.83
N ASN B 131 -6.11 -9.38 -16.06
CA ASN B 131 -5.54 -8.52 -15.03
C ASN B 131 -6.51 -7.45 -14.55
N MET B 132 -7.38 -7.83 -13.63
CA MET B 132 -8.30 -6.89 -13.00
C MET B 132 -8.14 -7.04 -11.51
N VAL B 133 -7.78 -5.95 -10.86
CA VAL B 133 -7.52 -5.96 -9.42
C VAL B 133 -8.31 -4.85 -8.76
N ALA B 134 -8.89 -5.15 -7.61
CA ALA B 134 -9.58 -4.12 -6.85
C ALA B 134 -8.93 -4.04 -5.49
N THR B 135 -8.67 -2.83 -5.03
CA THR B 135 -8.14 -2.62 -3.69
C THR B 135 -9.16 -3.08 -2.65
N PRO B 136 -8.70 -3.34 -1.42
CA PRO B 136 -9.63 -3.45 -0.29
C PRO B 136 -10.39 -2.14 -0.12
N LEU B 137 -11.47 -2.17 0.66
CA LEU B 137 -12.18 -0.96 1.02
C LEU B 137 -11.25 -0.02 1.77
N ALA B 138 -11.37 1.27 1.52
CA ALA B 138 -10.74 2.30 2.33
C ALA B 138 -11.86 3.22 2.83
N SER B 139 -11.80 3.64 4.09
CA SER B 139 -12.81 4.56 4.60
C SER B 139 -12.14 5.83 5.09
N THR B 140 -12.93 6.91 5.14
CA THR B 140 -12.43 8.19 5.63
C THR B 140 -12.16 8.07 7.12
N SER B 141 -12.83 7.14 7.79
CA SER B 141 -12.67 7.04 9.23
C SER B 141 -11.34 6.42 9.65
N ASN B 142 -10.70 5.66 8.77
CA ASN B 142 -9.37 5.15 9.15
C ASN B 142 -8.34 4.83 8.06
N SER B 143 -8.53 5.36 6.85
CA SER B 143 -7.51 5.25 5.80
C SER B 143 -7.04 6.65 5.40
N LEU B 144 -7.60 7.65 6.06
CA LEU B 144 -7.35 9.02 5.70
C LEU B 144 -6.10 9.47 6.40
N ASN B 145 -5.09 9.82 5.61
CA ASN B 145 -3.82 10.26 6.15
C ASN B 145 -3.46 11.61 5.52
N GLY B 146 -3.46 12.66 6.33
CA GLY B 146 -3.34 14.01 5.80
C GLY B 146 -4.65 14.37 5.14
N ASP B 147 -4.65 14.53 3.83
CA ASP B 147 -5.89 14.79 3.09
C ASP B 147 -6.20 13.67 2.12
N ALA B 148 -5.45 12.57 2.20
CA ALA B 148 -5.56 11.54 1.16
C ALA B 148 -5.88 10.15 1.72
N LEU B 149 -6.74 9.43 1.02
CA LEU B 149 -6.94 8.03 1.30
C LEU B 149 -5.72 7.24 0.83
N THR B 150 -5.28 6.33 1.67
CA THR B 150 -4.17 5.45 1.35
C THR B 150 -4.70 4.06 1.01
N PHE B 151 -4.15 3.48 -0.05
CA PHE B 151 -4.46 2.10 -0.41
C PHE B 151 -3.17 1.29 -0.38
N THR B 152 -3.27 0.05 0.09
CA THR B 152 -2.09 -0.80 0.30
C THR B 152 -1.65 -1.52 -0.99
N THR B 153 -2.53 -1.54 -1.98
CA THR B 153 -2.39 -2.35 -3.17
C THR B 153 -1.16 -2.04 -4.03
N THR B 154 -0.54 -3.09 -4.56
CA THR B 154 0.48 -2.98 -5.60
C THR B 154 0.04 -3.80 -6.80
N PHE B 155 0.09 -3.20 -7.98
CA PHE B 155 -0.41 -3.81 -9.20
C PHE B 155 0.75 -4.03 -10.16
N THR B 156 0.91 -5.25 -10.67
CA THR B 156 2.01 -5.53 -11.58
C THR B 156 1.52 -6.09 -12.92
N LEU B 157 1.82 -5.35 -13.98
CA LEU B 157 1.59 -5.80 -15.34
C LEU B 157 2.92 -6.33 -15.85
N GLN B 158 2.96 -7.57 -16.33
CA GLN B 158 4.25 -8.16 -16.69
C GLN B 158 4.35 -8.58 -18.16
N ASP B 159 5.57 -8.51 -18.70
CA ASP B 159 5.85 -8.83 -20.10
C ASP B 159 4.91 -8.11 -21.06
N VAL B 160 5.12 -6.82 -21.23
CA VAL B 160 4.29 -6.06 -22.15
C VAL B 160 5.14 -5.03 -22.87
N SER B 161 4.72 -4.65 -24.08
CA SER B 161 5.43 -3.64 -24.84
C SER B 161 4.96 -2.25 -24.43
N ASN B 162 5.54 -1.25 -25.08
CA ASN B 162 5.31 0.14 -24.70
C ASN B 162 3.96 0.69 -25.14
N ASP B 163 3.08 -0.18 -25.62
CA ASP B 163 1.74 0.23 -26.00
C ASP B 163 0.74 -0.13 -24.90
N PHE B 164 1.27 -0.57 -23.76
CA PHE B 164 0.42 -0.96 -22.64
C PHE B 164 -0.54 0.16 -22.22
N GLU B 165 -1.64 -0.24 -21.60
CA GLU B 165 -2.52 0.74 -20.95
C GLU B 165 -3.10 0.11 -19.69
N ILE B 166 -3.08 0.85 -18.60
CA ILE B 166 -3.73 0.40 -17.37
C ILE B 166 -4.85 1.37 -17.03
N ASN B 167 -6.08 0.86 -17.03
CA ASN B 167 -7.26 1.66 -16.70
C ASN B 167 -7.52 1.67 -15.22
N ILE B 168 -7.61 2.88 -14.68
CA ILE B 168 -7.93 3.10 -13.27
C ILE B 168 -9.34 3.62 -13.14
N GLU B 169 -10.09 3.04 -12.21
CA GLU B 169 -11.44 3.49 -11.90
C GLU B 169 -11.55 3.70 -10.40
N VAL B 170 -12.07 4.84 -9.99
CA VAL B 170 -12.25 5.16 -8.58
C VAL B 170 -13.73 5.08 -8.24
N TYR B 171 -14.07 4.39 -7.14
CA TYR B 171 -15.46 4.22 -6.74
C TYR B 171 -15.69 4.69 -5.32
N SER B 172 -16.88 5.20 -5.07
CA SER B 172 -17.25 5.57 -3.71
C SER B 172 -18.63 5.06 -3.29
N LEU B 173 -18.75 4.73 -2.02
CA LEU B 173 -20.01 4.30 -1.45
C LEU B 173 -20.28 5.19 -0.24
N VAL B 174 -21.49 5.72 -0.16
CA VAL B 174 -21.90 6.42 1.05
C VAL B 174 -22.92 5.54 1.75
N GLN B 175 -22.62 5.17 2.98
CA GLN B 175 -23.50 4.35 3.79
C GLN B 175 -24.13 5.28 4.82
N LYS B 176 -25.38 5.68 4.58
CA LYS B 176 -26.05 6.55 5.54
C LYS B 176 -26.15 5.86 6.89
N LYS B 177 -25.93 6.63 7.95
CA LYS B 177 -25.85 6.08 9.31
C LYS B 177 -26.33 7.09 10.34
N SER B 221 -33.94 -13.61 -7.61
CA SER B 221 -33.18 -12.67 -8.43
C SER B 221 -34.03 -11.44 -8.80
N ALA B 222 -34.13 -10.42 -7.94
CA ALA B 222 -33.37 -10.26 -6.69
C ALA B 222 -31.91 -9.79 -6.88
N VAL B 223 -31.43 -9.88 -8.11
CA VAL B 223 -30.08 -9.41 -8.47
C VAL B 223 -29.97 -7.88 -8.41
N ARG B 224 -28.88 -7.38 -7.84
CA ARG B 224 -28.70 -5.94 -7.60
C ARG B 224 -27.53 -5.33 -8.38
N THR B 225 -27.57 -4.02 -8.57
CA THR B 225 -26.40 -3.26 -9.00
C THR B 225 -25.72 -2.67 -7.76
N SER B 226 -24.38 -2.70 -7.72
CA SER B 226 -23.65 -2.22 -6.55
C SER B 226 -23.96 -0.75 -6.29
N ASN B 227 -24.02 -0.34 -5.03
CA ASN B 227 -24.18 1.05 -4.70
C ASN B 227 -22.87 1.83 -4.80
N PHE B 228 -21.76 1.13 -5.04
CA PHE B 228 -20.51 1.83 -5.31
C PHE B 228 -20.65 2.60 -6.61
N ALA B 229 -20.38 3.90 -6.57
CA ALA B 229 -20.50 4.74 -7.77
C ALA B 229 -19.12 5.14 -8.33
N LEU B 230 -19.01 5.13 -9.66
CA LEU B 230 -17.81 5.56 -10.35
C LEU B 230 -17.63 7.07 -10.22
N VAL B 231 -16.53 7.49 -9.60
CA VAL B 231 -16.31 8.92 -9.35
C VAL B 231 -14.99 9.46 -9.96
N GLY B 232 -14.34 8.65 -10.78
CA GLY B 232 -13.17 9.12 -11.49
C GLY B 232 -12.49 8.01 -12.26
N SER B 233 -11.76 8.38 -13.30
CA SER B 233 -11.03 7.40 -14.07
C SER B 233 -9.76 7.98 -14.69
N TYR B 234 -8.83 7.11 -15.02
CA TYR B 234 -7.62 7.53 -15.71
C TYR B 234 -7.04 6.33 -16.45
N THR B 235 -6.42 6.58 -17.59
CA THR B 235 -5.69 5.52 -18.27
C THR B 235 -4.20 5.87 -18.24
N LEU B 236 -3.42 5.04 -17.54
CA LEU B 236 -1.97 5.18 -17.52
C LEU B 236 -1.37 4.52 -18.78
N SER B 237 -0.36 5.15 -19.35
CA SER B 237 0.38 4.55 -20.47
C SER B 237 1.86 4.88 -20.35
N LEU B 238 2.60 4.65 -21.42
CA LEU B 238 4.05 4.87 -21.39
C LEU B 238 4.37 6.31 -20.98
N SER B 239 3.60 7.27 -21.50
CA SER B 239 3.81 8.67 -21.19
C SER B 239 3.63 8.97 -19.70
N SER B 240 2.89 8.12 -19.00
CA SER B 240 2.66 8.29 -17.58
C SER B 240 3.88 7.96 -16.73
N VAL B 241 4.70 7.01 -17.21
CA VAL B 241 5.81 6.50 -16.41
C VAL B 241 6.67 7.63 -15.85
N GLY B 242 6.97 7.57 -14.55
CA GLY B 242 7.82 8.58 -13.94
C GLY B 242 7.08 9.78 -13.40
N ASN B 243 5.80 9.89 -13.71
CA ASN B 243 4.94 10.91 -13.11
C ASN B 243 4.26 10.36 -11.86
N THR B 244 3.76 11.25 -11.00
CA THR B 244 3.20 10.82 -9.72
C THR B 244 1.87 11.49 -9.41
N LYS B 245 1.45 12.38 -10.29
CA LYS B 245 0.21 13.10 -10.04
C LYS B 245 -0.62 13.09 -11.31
N PHE B 246 -1.85 12.59 -11.21
CA PHE B 246 -2.69 12.47 -12.40
C PHE B 246 -4.06 13.09 -12.20
N VAL B 247 -4.51 13.83 -13.21
CA VAL B 247 -5.81 14.48 -13.15
C VAL B 247 -6.88 13.52 -13.62
N LEU B 248 -7.82 13.18 -12.74
CA LEU B 248 -8.87 12.22 -13.05
C LEU B 248 -9.88 12.78 -14.04
N ASP B 249 -10.35 11.91 -14.94
CA ASP B 249 -11.45 12.21 -15.83
C ASP B 249 -12.77 11.79 -15.16
N LYS B 250 -13.88 12.37 -15.61
CA LYS B 250 -15.20 11.89 -15.20
C LYS B 250 -15.48 12.04 -13.70
N VAL B 251 -14.89 13.04 -13.05
CA VAL B 251 -15.21 13.30 -11.65
C VAL B 251 -16.60 13.96 -11.61
N PRO B 252 -17.53 13.43 -10.82
CA PRO B 252 -18.88 14.00 -10.84
C PRO B 252 -18.95 15.39 -10.20
N PHE B 253 -19.98 16.14 -10.58
CA PHE B 253 -20.21 17.46 -10.02
C PHE B 253 -20.34 17.34 -8.50
N LEU B 254 -19.67 18.21 -7.76
CA LEU B 254 -19.77 18.21 -6.30
C LEU B 254 -19.19 16.97 -5.63
N SER B 255 -18.28 16.29 -6.30
CA SER B 255 -17.58 15.18 -5.68
C SER B 255 -16.72 15.66 -4.50
N SER B 256 -16.48 14.78 -3.54
CA SER B 256 -15.58 15.10 -2.45
C SER B 256 -14.11 14.94 -2.90
N LEU B 257 -13.89 14.38 -4.09
CA LEU B 257 -12.52 14.16 -4.58
C LEU B 257 -11.86 15.50 -4.88
N GLU B 258 -10.61 15.65 -4.50
CA GLU B 258 -9.86 16.85 -4.85
C GLU B 258 -9.63 16.93 -6.37
N GLY B 259 -9.58 15.78 -7.05
CA GLY B 259 -9.44 15.82 -8.50
C GLY B 259 -8.27 15.02 -9.04
N HIS B 260 -7.27 14.80 -8.20
CA HIS B 260 -6.10 14.02 -8.62
C HIS B 260 -6.07 12.63 -8.00
N ILE B 261 -5.26 11.77 -8.60
CA ILE B 261 -4.84 10.55 -7.95
C ILE B 261 -3.32 10.54 -7.93
N TYR B 262 -2.74 10.06 -6.83
CA TYR B 262 -1.28 9.99 -6.72
C TYR B 262 -0.88 8.53 -6.71
N LEU B 263 0.23 8.22 -7.38
CA LEU B 263 0.77 6.87 -7.42
C LEU B 263 2.19 6.87 -8.02
N LYS B 264 2.88 5.74 -7.93
CA LYS B 264 4.17 5.55 -8.60
C LYS B 264 4.01 4.49 -9.69
N ILE B 265 4.51 4.79 -10.88
CA ILE B 265 4.41 3.85 -12.00
C ILE B 265 5.77 3.67 -12.66
N LYS B 266 6.22 2.42 -12.73
CA LYS B 266 7.59 2.09 -13.10
C LYS B 266 7.64 0.92 -14.08
N CYS B 267 8.47 1.03 -15.12
CA CYS B 267 8.73 -0.10 -16.01
C CYS B 267 10.08 -0.72 -15.71
N GLN B 268 10.14 -2.06 -15.79
CA GLN B 268 11.40 -2.78 -15.75
C GLN B 268 11.31 -4.02 -16.65
N VAL B 269 12.40 -4.32 -17.35
CA VAL B 269 12.40 -5.37 -18.37
C VAL B 269 12.03 -6.76 -17.85
N ILE C 4 42.33 23.09 -15.10
CA ILE C 4 41.22 23.97 -14.69
C ILE C 4 40.04 23.19 -14.12
N ARG C 5 39.77 23.37 -12.84
CA ARG C 5 38.66 22.69 -12.20
C ARG C 5 37.52 23.66 -11.90
N LYS C 6 36.31 23.30 -12.30
CA LYS C 6 35.12 24.08 -11.96
C LYS C 6 34.01 23.20 -11.38
N LYS C 7 33.30 23.72 -10.39
CA LYS C 7 32.22 22.97 -9.76
C LYS C 7 30.86 23.47 -10.23
N LEU C 8 30.05 22.56 -10.77
CA LEU C 8 28.72 22.88 -11.22
C LEU C 8 27.68 22.20 -10.33
N VAL C 9 26.68 22.95 -9.90
CA VAL C 9 25.58 22.36 -9.11
C VAL C 9 24.26 22.48 -9.85
N ILE C 10 23.53 21.37 -9.95
CA ILE C 10 22.24 21.40 -10.64
C ILE C 10 21.08 21.25 -9.62
N VAL C 11 20.10 22.13 -9.71
CA VAL C 11 18.93 22.11 -8.83
C VAL C 11 17.65 22.32 -9.62
N GLY C 12 16.51 21.94 -9.02
CA GLY C 12 15.20 22.14 -9.62
C GLY C 12 14.18 21.13 -9.10
N ASP C 13 12.91 21.37 -9.41
CA ASP C 13 11.82 20.51 -8.95
C ASP C 13 12.10 19.02 -9.21
N GLY C 14 11.54 18.16 -8.36
CA GLY C 14 11.73 16.73 -8.47
C GLY C 14 11.22 16.20 -9.80
N ALA C 15 11.99 15.32 -10.43
CA ALA C 15 11.60 14.72 -11.69
C ALA C 15 11.54 15.70 -12.87
N CYS C 16 12.15 16.87 -12.73
CA CYS C 16 12.18 17.81 -13.85
C CYS C 16 13.30 17.48 -14.85
N GLY C 17 14.09 16.45 -14.54
CA GLY C 17 15.05 15.93 -15.50
C GLY C 17 16.52 16.21 -15.21
N LYS C 18 16.85 16.56 -13.97
CA LYS C 18 18.22 16.96 -13.64
C LYS C 18 19.24 15.85 -13.89
N THR C 19 18.96 14.65 -13.38
CA THR C 19 19.91 13.54 -13.44
C THR C 19 20.11 13.01 -14.87
N CYS C 20 19.01 12.85 -15.59
CA CYS C 20 19.10 12.42 -16.97
C CYS C 20 19.95 13.40 -17.78
N LEU C 21 19.82 14.68 -17.49
CA LEU C 21 20.64 15.69 -18.15
C LEU C 21 22.13 15.48 -17.87
N LEU C 22 22.49 15.32 -16.59
CA LEU C 22 23.89 15.14 -16.21
C LEU C 22 24.47 13.85 -16.82
N ILE C 23 23.68 12.80 -16.82
CA ILE C 23 24.14 11.50 -17.28
C ILE C 23 24.25 11.45 -18.80
N VAL C 24 23.31 12.08 -19.51
CA VAL C 24 23.43 12.14 -20.96
C VAL C 24 24.69 12.91 -21.38
N ASN C 25 24.99 14.01 -20.70
CA ASN C 25 26.20 14.78 -20.99
C ASN C 25 27.50 14.02 -20.69
N SER C 26 27.55 13.38 -19.53
CA SER C 26 28.78 12.74 -19.07
C SER C 26 29.00 11.31 -19.53
N LYS C 27 27.92 10.57 -19.81
CA LYS C 27 28.04 9.18 -20.25
C LYS C 27 27.53 8.95 -21.67
N ASP C 28 26.71 9.89 -22.15
CA ASP C 28 26.12 9.78 -23.48
C ASP C 28 25.11 8.62 -23.54
N GLN C 29 24.51 8.29 -22.41
CA GLN C 29 23.45 7.29 -22.34
C GLN C 29 22.28 7.84 -21.52
N PHE C 30 21.06 7.69 -22.04
CA PHE C 30 19.87 8.12 -21.31
C PHE C 30 19.38 6.98 -20.41
N PRO C 31 19.41 7.19 -19.07
CA PRO C 31 18.95 6.14 -18.15
C PRO C 31 17.42 5.99 -18.19
N GLU C 32 16.96 4.79 -18.53
CA GLU C 32 15.54 4.55 -18.73
C GLU C 32 14.73 4.64 -17.44
N VAL C 33 15.29 4.12 -16.35
CA VAL C 33 14.56 3.95 -15.11
C VAL C 33 14.76 5.09 -14.10
N TYR C 34 13.65 5.68 -13.65
CA TYR C 34 13.71 6.79 -12.71
C TYR C 34 14.07 6.35 -11.30
N VAL C 35 15.10 6.99 -10.76
CA VAL C 35 15.42 6.84 -9.35
C VAL C 35 15.66 8.24 -8.78
N PRO C 36 14.84 8.62 -7.80
CA PRO C 36 14.97 9.98 -7.24
C PRO C 36 16.37 10.17 -6.66
N THR C 37 16.89 11.39 -6.71
CA THR C 37 18.26 11.65 -6.26
C THR C 37 18.27 12.08 -4.79
N VAL C 38 19.24 11.56 -4.04
CA VAL C 38 19.54 12.05 -2.70
C VAL C 38 20.76 12.97 -2.78
N PHE C 39 21.88 12.41 -3.26
CA PHE C 39 23.12 13.15 -3.37
C PHE C 39 24.07 12.34 -4.25
N GLU C 40 24.55 12.96 -5.31
CA GLU C 40 25.47 12.26 -6.20
C GLU C 40 26.36 13.26 -6.93
N ASN C 41 27.65 12.91 -7.09
CA ASN C 41 28.59 13.74 -7.85
C ASN C 41 29.23 12.98 -9.01
N TYR C 42 29.33 13.62 -10.17
CA TYR C 42 29.99 13.04 -11.34
C TYR C 42 31.13 13.93 -11.80
N VAL C 43 31.98 13.41 -12.66
CA VAL C 43 33.05 14.20 -13.26
C VAL C 43 32.95 14.13 -14.77
N ALA C 44 33.07 15.27 -15.43
CA ALA C 44 33.11 15.30 -16.88
C ALA C 44 34.22 16.22 -17.34
N ASP C 45 34.83 15.89 -18.47
CA ASP C 45 35.80 16.77 -19.10
C ASP C 45 35.12 17.48 -20.26
N ILE C 46 35.53 18.72 -20.51
CA ILE C 46 34.95 19.50 -21.58
C ILE C 46 35.97 20.53 -22.06
N GLU C 47 35.96 20.76 -23.37
CA GLU C 47 36.78 21.82 -23.93
C GLU C 47 35.86 22.86 -24.54
N VAL C 48 35.95 24.10 -24.05
CA VAL C 48 35.23 25.20 -24.67
C VAL C 48 36.13 26.40 -24.89
N ASP C 49 36.03 26.99 -26.07
CA ASP C 49 36.88 28.13 -26.42
C ASP C 49 38.35 27.77 -26.28
N GLY C 50 38.70 26.55 -26.69
CA GLY C 50 40.08 26.10 -26.66
C GLY C 50 40.67 25.99 -25.26
N LYS C 51 39.81 25.94 -24.26
CA LYS C 51 40.24 25.74 -22.88
C LYS C 51 39.71 24.43 -22.32
N GLN C 52 40.60 23.70 -21.64
CA GLN C 52 40.29 22.38 -21.11
C GLN C 52 39.79 22.51 -19.67
N VAL C 53 38.61 21.98 -19.39
CA VAL C 53 38.03 22.10 -18.05
C VAL C 53 37.57 20.76 -17.50
N GLU C 54 37.91 20.49 -16.25
CA GLU C 54 37.31 19.36 -15.54
C GLU C 54 36.10 19.85 -14.74
N LEU C 55 34.90 19.50 -15.20
CA LEU C 55 33.67 19.91 -14.52
C LEU C 55 33.26 18.87 -13.49
N ALA C 56 33.23 19.28 -12.22
CA ALA C 56 32.62 18.45 -11.18
C ALA C 56 31.11 18.69 -11.18
N LEU C 57 30.35 17.62 -11.42
CA LEU C 57 28.90 17.76 -11.51
C LEU C 57 28.23 17.26 -10.24
N TRP C 58 27.62 18.19 -9.50
CA TRP C 58 26.98 17.89 -8.22
C TRP C 58 25.46 17.84 -8.38
N ASP C 59 24.91 16.64 -8.22
CA ASP C 59 23.48 16.39 -8.44
C ASP C 59 22.75 16.46 -7.09
N THR C 60 21.56 17.06 -7.10
CA THR C 60 20.85 17.27 -5.84
C THR C 60 19.43 16.76 -5.89
N ALA C 61 18.79 16.72 -4.73
CA ALA C 61 17.41 16.24 -4.62
C ALA C 61 16.37 17.31 -4.95
N GLY C 62 15.37 16.93 -5.73
CA GLY C 62 14.21 17.78 -5.95
C GLY C 62 13.02 17.26 -5.16
N LEU C 63 13.12 16.00 -4.73
CA LEU C 63 11.98 15.31 -4.10
C LEU C 63 11.94 15.53 -2.59
N GLU C 64 10.73 15.81 -2.07
CA GLU C 64 10.55 16.29 -0.70
C GLU C 64 11.15 15.40 0.39
N ASP C 65 11.09 14.09 0.22
CA ASP C 65 11.59 13.16 1.22
C ASP C 65 13.10 13.30 1.43
N TYR C 66 13.78 13.82 0.41
CA TYR C 66 15.25 13.79 0.39
C TYR C 66 15.89 15.17 0.35
N ASP C 67 15.09 16.23 0.36
CA ASP C 67 15.59 17.56 -0.01
C ASP C 67 16.14 18.41 1.13
N ARG C 68 16.39 17.81 2.30
CA ARG C 68 16.88 18.57 3.42
C ARG C 68 18.43 18.62 3.49
N LEU C 69 19.08 18.08 2.46
CA LEU C 69 20.54 17.95 2.42
C LEU C 69 21.16 18.93 1.45
N ARG C 70 20.31 19.58 0.66
CA ARG C 70 20.78 20.36 -0.48
C ARG C 70 21.93 21.31 -0.14
N PRO C 71 21.84 22.01 1.00
CA PRO C 71 22.95 22.93 1.28
C PRO C 71 24.33 22.24 1.38
N LEU C 72 24.38 20.92 1.50
CA LEU C 72 25.68 20.23 1.52
C LEU C 72 26.37 20.36 0.18
N SER C 73 25.59 20.62 -0.86
CA SER C 73 26.12 20.67 -2.23
C SER C 73 26.64 22.03 -2.67
N TYR C 74 26.17 23.10 -2.03
CA TYR C 74 26.43 24.47 -2.47
C TYR C 74 27.85 25.06 -2.31
N PRO C 75 28.63 24.63 -1.30
CA PRO C 75 29.92 25.28 -1.10
C PRO C 75 30.87 25.14 -2.31
N ASP C 76 31.59 26.22 -2.61
CA ASP C 76 32.62 26.27 -3.65
C ASP C 76 32.04 26.21 -5.05
N THR C 77 30.73 26.43 -5.18
CA THR C 77 30.10 26.31 -6.49
C THR C 77 30.56 27.42 -7.42
N ASP C 78 30.80 27.08 -8.68
CA ASP C 78 31.25 28.05 -9.67
C ASP C 78 30.09 28.44 -10.58
N VAL C 79 29.19 27.49 -10.82
CA VAL C 79 28.05 27.75 -11.68
C VAL C 79 26.86 26.86 -11.30
N ILE C 80 25.67 27.45 -11.37
CA ILE C 80 24.43 26.79 -11.04
C ILE C 80 23.62 26.52 -12.31
N LEU C 81 23.21 25.27 -12.50
CA LEU C 81 22.17 24.97 -13.48
C LEU C 81 20.86 24.85 -12.72
N MET C 82 19.93 25.74 -13.05
CA MET C 82 18.65 25.81 -12.38
C MET C 82 17.60 25.34 -13.37
N CYS C 83 17.01 24.19 -13.12
CA CYS C 83 16.13 23.56 -14.10
C CYS C 83 14.63 23.63 -13.78
N PHE C 84 13.85 23.71 -14.85
CA PHE C 84 12.44 23.43 -14.78
C PHE C 84 12.18 22.51 -15.97
N SER C 85 10.97 21.97 -16.03
CA SER C 85 10.56 21.11 -17.14
C SER C 85 9.59 21.86 -18.06
N ILE C 86 9.83 21.80 -19.36
CA ILE C 86 8.97 22.48 -20.32
C ILE C 86 7.52 21.94 -20.30
N ASP C 87 7.35 20.69 -19.87
CA ASP C 87 6.02 20.11 -19.76
C ASP C 87 5.34 20.45 -18.42
N SER C 88 5.92 21.40 -17.68
CA SER C 88 5.38 21.75 -16.38
C SER C 88 5.50 23.24 -16.08
N PRO C 89 4.50 24.02 -16.49
CA PRO C 89 4.46 25.44 -16.12
C PRO C 89 4.57 25.63 -14.60
N ASP C 90 4.08 24.68 -13.81
CA ASP C 90 4.22 24.76 -12.36
C ASP C 90 5.69 24.76 -11.92
N SER C 91 6.50 23.93 -12.55
CA SER C 91 7.93 23.91 -12.22
C SER C 91 8.59 25.26 -12.56
N LEU C 92 8.10 25.93 -13.59
CA LEU C 92 8.68 27.23 -13.95
C LEU C 92 8.31 28.27 -12.90
N GLU C 93 7.06 28.22 -12.44
CA GLU C 93 6.59 29.15 -11.44
C GLU C 93 7.43 29.07 -10.18
N ASN C 94 7.91 27.86 -9.87
CA ASN C 94 8.80 27.65 -8.72
C ASN C 94 10.18 28.29 -8.85
N ILE C 95 10.59 28.61 -10.08
CA ILE C 95 11.91 29.21 -10.27
C ILE C 95 12.10 30.49 -9.44
N PRO C 96 11.20 31.48 -9.59
CA PRO C 96 11.32 32.69 -8.79
C PRO C 96 10.87 32.53 -7.34
N GLU C 97 9.90 31.65 -7.09
CA GLU C 97 9.33 31.49 -5.75
C GLU C 97 10.26 30.77 -4.78
N LYS C 98 10.88 29.69 -5.22
CA LYS C 98 11.74 28.91 -4.32
C LYS C 98 13.20 28.77 -4.74
N TRP C 99 13.44 28.41 -5.99
CA TRP C 99 14.82 28.14 -6.42
C TRP C 99 15.79 29.34 -6.36
N THR C 100 15.39 30.48 -6.90
CA THR C 100 16.30 31.62 -6.94
C THR C 100 16.59 32.21 -5.56
N PRO C 101 15.56 32.30 -4.69
CA PRO C 101 15.84 32.74 -3.31
C PRO C 101 16.85 31.81 -2.64
N GLU C 102 16.65 30.52 -2.74
CA GLU C 102 17.59 29.56 -2.15
C GLU C 102 19.00 29.66 -2.76
N VAL C 103 19.08 29.66 -4.08
CA VAL C 103 20.40 29.71 -4.72
C VAL C 103 21.15 30.99 -4.38
N LYS C 104 20.44 32.12 -4.37
CA LYS C 104 21.09 33.38 -4.09
C LYS C 104 21.51 33.52 -2.62
N HIS C 105 20.85 32.79 -1.73
CA HIS C 105 21.28 32.76 -0.34
C HIS C 105 22.58 31.95 -0.17
N PHE C 106 22.60 30.74 -0.72
CA PHE C 106 23.74 29.85 -0.54
C PHE C 106 24.89 30.07 -1.53
N CYS C 107 24.60 30.72 -2.65
CA CYS C 107 25.60 30.91 -3.69
C CYS C 107 25.58 32.36 -4.20
N PRO C 108 25.84 33.31 -3.29
CA PRO C 108 25.68 34.76 -3.44
C PRO C 108 25.83 35.29 -4.86
N ASN C 109 27.02 35.20 -5.45
CA ASN C 109 27.25 35.82 -6.76
C ASN C 109 27.54 34.84 -7.88
N VAL C 110 27.14 33.59 -7.68
CA VAL C 110 27.40 32.55 -8.66
C VAL C 110 26.47 32.70 -9.87
N PRO C 111 27.04 32.63 -11.08
CA PRO C 111 26.18 32.74 -12.26
C PRO C 111 25.17 31.59 -12.37
N ILE C 112 23.99 31.91 -12.87
CA ILE C 112 22.92 30.95 -13.00
C ILE C 112 22.58 30.74 -14.47
N ILE C 113 22.51 29.47 -14.88
CA ILE C 113 21.98 29.14 -16.20
C ILE C 113 20.61 28.56 -15.99
N LEU C 114 19.59 29.21 -16.54
CA LEU C 114 18.24 28.70 -16.47
C LEU C 114 18.05 27.69 -17.60
N VAL C 115 17.64 26.48 -17.26
CA VAL C 115 17.52 25.41 -18.24
C VAL C 115 16.10 24.86 -18.32
N GLY C 116 15.54 24.84 -19.53
CA GLY C 116 14.27 24.19 -19.77
C GLY C 116 14.49 22.76 -20.24
N ASN C 117 14.15 21.81 -19.38
CA ASN C 117 14.31 20.39 -19.70
C ASN C 117 13.10 19.83 -20.42
N LYS C 118 13.29 18.67 -21.04
CA LYS C 118 12.21 17.91 -21.66
C LYS C 118 11.60 18.69 -22.82
N LYS C 119 12.48 19.26 -23.64
CA LYS C 119 12.04 20.04 -24.78
C LYS C 119 11.25 19.16 -25.76
N ASP C 120 11.53 17.87 -25.80
CA ASP C 120 10.81 16.93 -26.67
C ASP C 120 9.31 16.88 -26.41
N LEU C 121 8.89 17.37 -25.25
CA LEU C 121 7.49 17.30 -24.85
C LEU C 121 6.66 18.53 -25.26
N ARG C 122 7.30 19.56 -25.77
CA ARG C 122 6.56 20.79 -26.12
C ARG C 122 5.46 20.50 -27.14
N ASN C 123 5.82 19.72 -28.17
CA ASN C 123 4.87 19.38 -29.22
C ASN C 123 4.40 17.92 -29.13
N ASP C 124 4.29 17.41 -27.91
CA ASP C 124 3.78 16.05 -27.71
C ASP C 124 2.28 16.07 -27.39
N GLU C 125 1.51 15.22 -28.07
CA GLU C 125 0.06 15.23 -27.95
C GLU C 125 -0.43 14.87 -26.55
N HIS C 126 0.11 13.79 -25.98
CA HIS C 126 -0.26 13.40 -24.63
C HIS C 126 -0.04 14.56 -23.65
N THR C 127 1.13 15.17 -23.72
CA THR C 127 1.48 16.28 -22.82
C THR C 127 0.46 17.42 -22.91
N ARG C 128 0.17 17.88 -24.12
CA ARG C 128 -0.77 18.98 -24.31
C ARG C 128 -2.16 18.61 -23.83
N ARG C 129 -2.56 17.36 -24.07
CA ARG C 129 -3.85 16.87 -23.65
C ARG C 129 -3.98 16.92 -22.13
N GLU C 130 -2.93 16.51 -21.43
CA GLU C 130 -2.96 16.48 -19.97
C GLU C 130 -2.89 17.89 -19.37
N LEU C 131 -2.03 18.74 -19.91
CA LEU C 131 -1.93 20.11 -19.43
C LEU C 131 -3.23 20.89 -19.69
N ALA C 132 -3.89 20.61 -20.81
CA ALA C 132 -5.13 21.30 -21.15
C ALA C 132 -6.20 21.05 -20.10
N LYS C 133 -6.11 19.90 -19.43
CA LYS C 133 -7.10 19.53 -18.42
C LYS C 133 -7.05 20.45 -17.21
N MET C 134 -5.92 21.12 -17.03
CA MET C 134 -5.81 22.11 -15.97
C MET C 134 -5.61 23.52 -16.56
N LYS C 135 -6.00 23.67 -17.82
CA LYS C 135 -5.97 24.95 -18.51
C LYS C 135 -4.56 25.51 -18.64
N GLN C 136 -3.60 24.62 -18.86
CA GLN C 136 -2.22 25.00 -19.09
C GLN C 136 -1.73 24.48 -20.44
N GLU C 137 -0.51 24.86 -20.80
CA GLU C 137 0.14 24.32 -21.98
C GLU C 137 1.64 24.33 -21.76
N PRO C 138 2.39 23.55 -22.58
CA PRO C 138 3.85 23.52 -22.41
C PRO C 138 4.43 24.92 -22.33
N VAL C 139 5.52 25.08 -21.58
CA VAL C 139 6.19 26.37 -21.49
C VAL C 139 6.70 26.78 -22.88
N LYS C 140 6.56 28.06 -23.21
CA LYS C 140 7.03 28.59 -24.48
C LYS C 140 8.43 29.18 -24.30
N PRO C 141 9.24 29.18 -25.36
CA PRO C 141 10.62 29.67 -25.28
C PRO C 141 10.69 31.09 -24.75
N GLU C 142 9.76 31.94 -25.17
CA GLU C 142 9.77 33.33 -24.70
C GLU C 142 9.52 33.42 -23.20
N GLU C 143 8.74 32.48 -22.66
CA GLU C 143 8.42 32.46 -21.24
C GLU C 143 9.64 32.09 -20.40
N GLY C 144 10.38 31.07 -20.85
CA GLY C 144 11.63 30.72 -20.21
C GLY C 144 12.64 31.87 -20.31
N ARG C 145 12.85 32.37 -21.53
CA ARG C 145 13.74 33.50 -21.75
C ARG C 145 13.35 34.66 -20.82
N ASP C 146 12.06 34.91 -20.73
CA ASP C 146 11.58 36.00 -19.89
C ASP C 146 11.93 35.78 -18.42
N MET C 147 11.71 34.56 -17.93
CA MET C 147 12.09 34.21 -16.57
C MET C 147 13.59 34.38 -16.33
N ALA C 148 14.39 33.94 -17.30
CA ALA C 148 15.84 34.10 -17.24
C ALA C 148 16.20 35.57 -17.00
N ASN C 149 15.60 36.48 -17.75
CA ASN C 149 15.83 37.92 -17.55
C ASN C 149 15.36 38.37 -16.17
N ARG C 150 14.19 37.89 -15.77
CA ARG C 150 13.61 38.27 -14.50
C ARG C 150 14.54 37.91 -13.32
N ILE C 151 15.08 36.69 -13.32
CA ILE C 151 15.91 36.26 -12.21
C ILE C 151 17.37 36.67 -12.39
N GLY C 152 17.69 37.22 -13.55
CA GLY C 152 19.04 37.68 -13.82
C GLY C 152 19.99 36.53 -14.05
N ALA C 153 19.56 35.56 -14.84
CA ALA C 153 20.40 34.42 -15.21
C ALA C 153 21.50 34.85 -16.18
N PHE C 154 22.62 34.14 -16.16
CA PHE C 154 23.68 34.35 -17.14
C PHE C 154 23.13 34.09 -18.54
N GLY C 155 22.26 33.09 -18.66
CA GLY C 155 21.66 32.77 -19.94
C GLY C 155 20.53 31.76 -19.82
N TYR C 156 19.86 31.52 -20.93
CA TYR C 156 18.77 30.56 -20.96
C TYR C 156 19.02 29.53 -22.06
N MET C 157 18.79 28.26 -21.73
CA MET C 157 18.96 27.19 -22.70
C MET C 157 17.80 26.20 -22.57
N GLU C 158 17.43 25.57 -23.67
CA GLU C 158 16.46 24.48 -23.63
C GLU C 158 17.12 23.21 -24.17
N CYS C 159 16.74 22.06 -23.63
CA CYS C 159 17.35 20.81 -24.08
C CYS C 159 16.39 19.66 -23.93
N SER C 160 16.77 18.55 -24.54
CA SER C 160 16.10 17.28 -24.31
C SER C 160 17.13 16.19 -24.05
N ALA C 161 17.25 15.79 -22.79
CA ALA C 161 18.15 14.71 -22.42
C ALA C 161 17.75 13.46 -23.18
N LYS C 162 16.44 13.31 -23.39
CA LYS C 162 15.89 12.14 -24.07
C LYS C 162 16.37 12.02 -25.52
N THR C 163 16.43 13.14 -26.22
CA THR C 163 16.85 13.16 -27.63
C THR C 163 18.28 13.70 -27.82
N LYS C 164 18.94 14.04 -26.72
CA LYS C 164 20.30 14.59 -26.75
C LYS C 164 20.37 16.00 -27.32
N ASP C 165 19.24 16.49 -27.83
CA ASP C 165 19.17 17.82 -28.41
C ASP C 165 19.48 18.90 -27.36
N GLY C 166 20.44 19.75 -27.68
CA GLY C 166 20.74 20.90 -26.82
C GLY C 166 21.62 20.64 -25.60
N VAL C 167 21.93 19.37 -25.32
CA VAL C 167 22.67 19.04 -24.10
C VAL C 167 24.07 19.67 -24.04
N ARG C 168 24.90 19.38 -25.05
CA ARG C 168 26.24 19.94 -25.09
C ARG C 168 26.22 21.46 -24.88
N GLU C 169 25.32 22.15 -25.57
CA GLU C 169 25.21 23.59 -25.48
C GLU C 169 24.97 24.06 -24.05
N VAL C 170 24.19 23.28 -23.29
CA VAL C 170 23.89 23.65 -21.91
C VAL C 170 25.19 23.72 -21.13
N PHE C 171 26.01 22.68 -21.24
CA PHE C 171 27.25 22.62 -20.45
C PHE C 171 28.36 23.51 -20.98
N GLU C 172 28.31 23.85 -22.26
CA GLU C 172 29.28 24.80 -22.81
C GLU C 172 29.00 26.20 -22.27
N MET C 173 27.72 26.58 -22.23
CA MET C 173 27.33 27.87 -21.67
C MET C 173 27.64 27.91 -20.18
N ALA C 174 27.37 26.81 -19.48
CA ALA C 174 27.63 26.75 -18.04
C ALA C 174 29.12 26.89 -17.76
N THR C 175 29.93 26.23 -18.59
CA THR C 175 31.39 26.31 -18.46
C THR C 175 31.91 27.72 -18.74
N ARG C 176 31.34 28.41 -19.73
CA ARG C 176 31.72 29.79 -20.03
C ARG C 176 31.40 30.72 -18.85
N ALA C 177 30.26 30.48 -18.21
CA ALA C 177 29.85 31.32 -17.08
C ALA C 177 30.81 31.15 -15.92
N ALA C 178 31.22 29.90 -15.71
CA ALA C 178 32.13 29.58 -14.61
C ALA C 178 33.52 30.17 -14.86
N LEU C 179 33.90 30.23 -16.14
CA LEU C 179 35.24 30.69 -16.54
C LEU C 179 35.44 32.19 -16.37
N GLN C 180 34.36 32.97 -16.36
CA GLN C 180 34.49 34.40 -16.14
C GLN C 180 34.19 34.78 -14.69
N ASN D 4 1.91 -13.48 -7.87
CA ASN D 4 2.07 -13.60 -6.42
C ASN D 4 3.53 -13.70 -5.91
N ILE D 5 4.04 -14.89 -5.62
CA ILE D 5 5.34 -14.94 -4.94
C ILE D 5 6.44 -14.29 -5.79
N LYS D 6 6.46 -14.54 -7.10
CA LYS D 6 7.47 -13.89 -7.90
C LYS D 6 7.30 -12.36 -7.93
N GLN D 7 6.06 -11.93 -8.09
CA GLN D 7 5.80 -10.50 -8.13
C GLN D 7 6.19 -9.88 -6.78
N LYS D 8 5.85 -10.54 -5.68
CA LYS D 8 6.13 -9.99 -4.36
C LYS D 8 7.65 -9.93 -4.12
N MET D 9 8.33 -10.99 -4.53
CA MET D 9 9.78 -11.01 -4.38
C MET D 9 10.43 -9.91 -5.19
N GLN D 10 9.96 -9.72 -6.42
CA GLN D 10 10.41 -8.61 -7.27
C GLN D 10 10.24 -7.26 -6.60
N GLU D 11 9.07 -7.02 -6.02
CA GLU D 11 8.79 -5.77 -5.31
C GLU D 11 9.75 -5.56 -4.16
N LEU D 12 9.97 -6.60 -3.36
CA LEU D 12 10.82 -6.50 -2.19
C LEU D 12 12.25 -6.24 -2.61
N ASN D 13 12.70 -6.98 -3.63
CA ASN D 13 14.07 -6.85 -4.11
C ASN D 13 14.37 -5.48 -4.72
N ASN D 14 13.41 -4.93 -5.45
CA ASN D 14 13.54 -3.59 -6.00
C ASN D 14 13.59 -2.54 -4.90
N GLU D 15 12.78 -2.72 -3.86
CA GLU D 15 12.76 -1.75 -2.80
C GLU D 15 14.08 -1.78 -2.01
N ILE D 16 14.60 -2.99 -1.80
CA ILE D 16 15.90 -3.19 -1.15
C ILE D 16 16.98 -2.43 -1.92
N ASN D 17 16.99 -2.59 -3.24
CA ASN D 17 17.96 -1.87 -4.07
C ASN D 17 17.76 -0.37 -3.95
N MET D 18 16.51 0.06 -3.91
CA MET D 18 16.23 1.50 -3.75
C MET D 18 16.80 1.99 -2.44
N GLN D 19 16.59 1.22 -1.37
CA GLN D 19 17.11 1.62 -0.06
C GLN D 19 18.64 1.65 -0.05
N GLN D 20 19.29 0.71 -0.75
CA GLN D 20 20.75 0.68 -0.81
C GLN D 20 21.31 1.91 -1.56
N THR D 21 20.57 2.40 -2.55
CA THR D 21 20.98 3.62 -3.22
C THR D 21 20.93 4.84 -2.28
N VAL D 22 19.85 4.95 -1.49
CA VAL D 22 19.74 5.99 -0.47
C VAL D 22 20.88 5.88 0.53
N ILE D 23 21.09 4.67 1.06
CA ILE D 23 22.21 4.43 1.98
C ILE D 23 23.54 4.89 1.38
N TYR D 24 23.79 4.51 0.14
CA TYR D 24 25.04 4.90 -0.53
C TYR D 24 25.15 6.44 -0.64
N GLN D 25 24.08 7.07 -1.10
CA GLN D 25 24.13 8.49 -1.43
C GLN D 25 24.16 9.38 -0.17
N ALA D 26 23.41 9.00 0.86
CA ALA D 26 23.47 9.72 2.13
C ALA D 26 24.87 9.59 2.73
N SER D 27 25.49 8.43 2.58
CA SER D 27 26.86 8.23 3.03
C SER D 27 27.82 9.18 2.30
N GLN D 28 27.64 9.32 0.99
CA GLN D 28 28.50 10.24 0.22
C GLN D 28 28.33 11.68 0.67
N ALA D 29 27.09 12.09 0.95
CA ALA D 29 26.84 13.43 1.46
C ALA D 29 27.54 13.62 2.78
N LEU D 30 27.38 12.65 3.67
CA LEU D 30 28.01 12.70 4.96
C LEU D 30 29.54 12.78 4.82
N ASN D 31 30.08 12.11 3.81
CA ASN D 31 31.52 12.12 3.61
C ASN D 31 32.03 13.50 3.19
N CYS D 32 31.12 14.35 2.72
CA CYS D 32 31.48 15.72 2.35
C CYS D 32 31.67 16.68 3.52
N CYS D 33 31.18 16.29 4.70
CA CYS D 33 31.18 17.20 5.84
C CYS D 33 32.52 17.22 6.56
N VAL D 34 33.57 17.68 5.88
CA VAL D 34 34.93 17.60 6.42
C VAL D 34 35.25 18.71 7.43
N ASP D 35 34.53 19.82 7.33
CA ASP D 35 34.69 20.92 8.26
C ASP D 35 33.42 21.74 8.25
N GLU D 36 33.36 22.76 9.09
CA GLU D 36 32.13 23.54 9.26
C GLU D 36 31.64 24.16 7.96
N GLU D 37 32.57 24.68 7.17
CA GLU D 37 32.20 25.32 5.92
C GLU D 37 31.50 24.31 5.02
N HIS D 38 31.90 23.05 5.13
CA HIS D 38 31.32 22.01 4.28
C HIS D 38 30.29 21.12 4.97
N GLY D 39 29.79 21.56 6.13
CA GLY D 39 28.61 20.94 6.72
C GLY D 39 28.82 20.17 8.01
N LYS D 40 30.07 20.10 8.48
CA LYS D 40 30.34 19.39 9.71
C LYS D 40 29.64 20.07 10.89
N GLY D 41 28.80 19.32 11.60
CA GLY D 41 28.02 19.83 12.72
C GLY D 41 26.83 20.70 12.34
N SER D 42 26.31 20.52 11.13
CA SER D 42 25.19 21.32 10.66
C SER D 42 23.89 20.54 10.71
N LEU D 43 22.79 21.23 10.41
CA LEU D 43 21.46 20.61 10.36
C LEU D 43 21.37 19.65 9.18
N GLU D 44 21.98 20.03 8.06
CA GLU D 44 22.03 19.19 6.86
C GLU D 44 22.71 17.87 7.16
N GLU D 45 23.77 17.93 7.96
CA GLU D 45 24.48 16.72 8.34
C GLU D 45 23.58 15.82 9.16
N ALA D 46 22.86 16.42 10.12
CA ALA D 46 21.91 15.67 10.92
C ALA D 46 20.84 15.01 10.05
N GLU D 47 20.38 15.76 9.04
CA GLU D 47 19.34 15.28 8.13
C GLU D 47 19.84 14.10 7.31
N ALA D 48 21.11 14.16 6.91
CA ALA D 48 21.72 13.05 6.18
C ALA D 48 21.81 11.84 7.08
N GLU D 49 22.21 12.06 8.33
CA GLU D 49 22.31 10.98 9.31
C GLU D 49 20.95 10.31 9.50
N ARG D 50 19.89 11.12 9.49
CA ARG D 50 18.52 10.60 9.62
C ARG D 50 18.13 9.74 8.41
N LEU D 51 18.36 10.25 7.21
CA LEU D 51 18.02 9.48 6.00
C LEU D 51 18.77 8.15 5.98
N LEU D 52 20.04 8.18 6.37
CA LEU D 52 20.87 6.99 6.41
C LEU D 52 20.30 5.96 7.39
N LEU D 53 19.89 6.40 8.58
CA LEU D 53 19.34 5.48 9.57
C LEU D 53 18.04 4.84 9.06
N ILE D 54 17.15 5.65 8.51
CA ILE D 54 15.83 5.20 8.05
C ILE D 54 15.98 4.17 6.93
N ALA D 55 16.85 4.48 5.97
CA ALA D 55 17.03 3.59 4.84
C ALA D 55 17.65 2.28 5.29
N THR D 56 18.57 2.36 6.24
CA THR D 56 19.21 1.16 6.80
C THR D 56 18.19 0.26 7.52
N GLY D 57 17.39 0.86 8.41
CA GLY D 57 16.34 0.10 9.11
C GLY D 57 15.31 -0.49 8.14
N LYS D 58 14.96 0.26 7.12
CA LYS D 58 13.98 -0.21 6.16
C LYS D 58 14.52 -1.39 5.34
N ARG D 59 15.78 -1.28 4.91
CA ARG D 59 16.44 -2.35 4.19
C ARG D 59 16.42 -3.65 5.01
N THR D 60 16.70 -3.53 6.29
CA THR D 60 16.67 -4.67 7.21
C THR D 60 15.31 -5.35 7.27
N LEU D 61 14.24 -4.56 7.37
CA LEU D 61 12.89 -5.12 7.36
C LEU D 61 12.57 -5.83 6.06
N LEU D 62 12.99 -5.23 4.94
CA LEU D 62 12.69 -5.80 3.63
C LEU D 62 13.39 -7.14 3.45
N ILE D 63 14.66 -7.20 3.83
CA ILE D 63 15.44 -8.42 3.70
C ILE D 63 14.86 -9.54 4.57
N ASP D 64 14.46 -9.21 5.80
CA ASP D 64 13.86 -10.19 6.70
C ASP D 64 12.56 -10.74 6.13
N GLU D 65 11.72 -9.87 5.60
CA GLU D 65 10.52 -10.26 4.88
C GLU D 65 10.76 -11.11 3.63
N LEU D 66 11.75 -10.75 2.84
CA LEU D 66 12.10 -11.52 1.64
C LEU D 66 12.58 -12.93 2.01
N ASN D 67 13.47 -13.01 3.00
CA ASN D 67 13.95 -14.30 3.50
C ASN D 67 12.84 -15.19 4.01
N LYS D 68 11.88 -14.60 4.71
CA LYS D 68 10.69 -15.32 5.14
C LYS D 68 9.90 -15.88 3.95
N LEU D 69 9.79 -15.07 2.90
CA LEU D 69 9.04 -15.47 1.71
C LEU D 69 9.65 -16.68 1.00
N LYS D 70 10.98 -16.72 0.89
CA LYS D 70 11.59 -17.79 0.11
C LYS D 70 11.75 -19.06 0.92
N ASN D 71 11.56 -18.95 2.22
CA ASN D 71 11.60 -20.11 3.11
C ASN D 71 10.18 -20.50 3.50
N GLU D 72 9.50 -21.16 2.57
CA GLU D 72 8.09 -21.51 2.72
C GLU D 72 7.72 -22.72 1.86
N PRO D 88 -12.01 -10.31 18.47
CA PRO D 88 -11.27 -10.73 17.28
C PRO D 88 -11.83 -10.13 15.99
N SER D 89 -12.13 -8.83 16.03
CA SER D 89 -12.57 -8.11 14.83
C SER D 89 -11.51 -7.07 14.46
N LYS D 90 -11.50 -6.66 13.20
CA LYS D 90 -10.44 -5.81 12.69
C LYS D 90 -10.80 -4.32 12.57
N GLY D 91 -9.89 -3.47 13.02
CA GLY D 91 -10.04 -2.03 12.90
C GLY D 91 -8.69 -1.37 12.70
N SER D 92 -8.62 -0.07 12.92
CA SER D 92 -7.38 0.67 12.80
C SER D 92 -6.89 1.14 14.16
N VAL D 93 -5.59 1.39 14.24
CA VAL D 93 -4.96 1.97 15.43
C VAL D 93 -4.13 3.14 14.94
N THR D 94 -4.40 4.31 15.50
CA THR D 94 -3.68 5.52 15.15
C THR D 94 -2.91 6.03 16.35
N LEU D 95 -1.62 6.33 16.14
CA LEU D 95 -0.81 6.93 17.17
C LEU D 95 -0.62 8.38 16.79
N SER D 96 -0.73 9.27 17.79
CA SER D 96 -0.51 10.69 17.56
C SER D 96 0.04 11.41 18.78
N GLU D 97 0.41 12.67 18.56
CA GLU D 97 0.86 13.55 19.63
C GLU D 97 1.96 12.92 20.48
N ILE D 98 3.02 12.46 19.81
CA ILE D 98 4.13 11.84 20.50
C ILE D 98 4.97 12.94 21.14
N ARG D 99 5.36 12.71 22.38
CA ARG D 99 6.23 13.67 23.09
C ARG D 99 7.27 12.88 23.86
N LEU D 100 8.50 13.40 23.87
CA LEU D 100 9.59 12.72 24.52
C LEU D 100 10.22 13.60 25.60
N PRO D 101 9.97 13.28 26.88
CA PRO D 101 10.48 14.10 27.98
C PRO D 101 11.99 13.90 28.20
N LEU D 102 12.67 14.99 28.55
CA LEU D 102 14.10 14.96 28.80
C LEU D 102 14.33 15.39 30.23
N LYS D 103 15.45 14.97 30.80
CA LYS D 103 15.78 15.28 32.18
C LYS D 103 15.97 16.78 32.34
N ALA D 104 15.53 17.32 33.48
CA ALA D 104 15.63 18.75 33.72
C ALA D 104 17.07 19.22 33.76
N ASP D 105 17.98 18.43 34.35
CA ASP D 105 19.37 18.88 34.43
C ASP D 105 19.98 18.91 33.02
N PHE D 106 19.52 18.01 32.18
CA PHE D 106 19.97 18.04 30.80
C PHE D 106 19.48 19.28 30.07
N VAL D 107 18.19 19.58 30.20
CA VAL D 107 17.63 20.76 29.57
C VAL D 107 18.36 22.01 30.09
N CYS D 108 18.61 22.07 31.39
CA CYS D 108 19.33 23.20 31.94
C CYS D 108 20.73 23.35 31.32
N SER D 109 21.37 22.23 31.01
CA SER D 109 22.69 22.30 30.40
C SER D 109 22.65 22.89 28.99
N THR D 110 21.56 22.65 28.26
CA THR D 110 21.46 23.20 26.91
C THR D 110 21.18 24.70 26.97
N VAL D 111 20.56 25.15 28.06
CA VAL D 111 20.31 26.57 28.25
C VAL D 111 21.58 27.32 28.63
N GLN D 112 22.35 26.74 29.55
CA GLN D 112 23.53 27.43 30.07
C GLN D 112 24.78 27.25 29.21
N LYS D 113 24.84 26.15 28.44
CA LYS D 113 25.97 25.91 27.55
C LYS D 113 25.49 25.51 26.17
N PRO D 114 24.78 26.42 25.49
CA PRO D 114 24.09 26.11 24.23
C PRO D 114 25.06 25.79 23.11
N ASP D 115 26.30 26.29 23.22
CA ASP D 115 27.30 26.09 22.18
C ASP D 115 28.12 24.84 22.39
N ALA D 116 27.84 24.09 23.45
CA ALA D 116 28.58 22.87 23.74
C ALA D 116 28.33 21.76 22.70
N ALA D 117 27.08 21.59 22.28
CA ALA D 117 26.73 20.56 21.30
C ALA D 117 25.36 20.82 20.71
N ASN D 118 25.06 20.14 19.60
CA ASN D 118 23.70 20.09 19.07
C ASN D 118 23.12 18.71 19.35
N TYR D 119 21.89 18.67 19.86
CA TYR D 119 21.23 17.41 20.16
C TYR D 119 19.98 17.23 19.31
N TYR D 120 19.91 16.10 18.59
CA TYR D 120 18.75 15.77 17.76
C TYR D 120 18.10 14.45 18.17
N TYR D 121 16.79 14.36 18.01
CA TYR D 121 16.06 13.15 18.36
C TYR D 121 15.09 12.84 17.24
N LEU D 122 14.78 11.57 17.09
CA LEU D 122 13.73 11.14 16.18
C LEU D 122 13.16 9.83 16.69
N ILE D 123 11.95 9.50 16.24
CA ILE D 123 11.30 8.28 16.65
C ILE D 123 11.02 7.44 15.39
N ILE D 124 11.23 6.14 15.47
CA ILE D 124 10.82 5.26 14.39
C ILE D 124 9.68 4.40 14.89
N LEU D 125 8.60 4.34 14.12
CA LEU D 125 7.49 3.47 14.44
C LEU D 125 7.42 2.40 13.36
N LYS D 126 7.35 1.13 13.74
CA LYS D 126 7.21 0.10 12.73
C LYS D 126 6.30 -1.06 13.09
N ALA D 127 5.63 -1.54 12.05
CA ALA D 127 4.73 -2.66 12.16
C ALA D 127 4.91 -3.43 10.84
N GLY D 128 6.16 -3.77 10.52
CA GLY D 128 6.47 -4.40 9.26
C GLY D 128 7.07 -3.43 8.25
N ALA D 129 7.72 -3.98 7.23
CA ALA D 129 8.39 -3.16 6.22
C ALA D 129 7.39 -2.25 5.51
N GLU D 130 6.15 -2.73 5.39
CA GLU D 130 5.10 -1.99 4.73
C GLU D 130 4.64 -0.80 5.57
N ASN D 131 4.92 -0.88 6.88
CA ASN D 131 4.49 0.13 7.83
C ASN D 131 5.62 0.63 8.71
N MET D 132 6.49 1.46 8.16
CA MET D 132 7.56 2.04 8.96
C MET D 132 7.59 3.53 8.69
N VAL D 133 7.48 4.33 9.75
CA VAL D 133 7.58 5.78 9.63
C VAL D 133 8.60 6.31 10.64
N ALA D 134 9.43 7.24 10.19
CA ALA D 134 10.35 7.97 11.04
C ALA D 134 9.88 9.39 11.14
N THR D 135 9.78 9.91 12.36
CA THR D 135 9.45 11.32 12.54
C THR D 135 10.50 12.21 11.89
N PRO D 136 10.13 13.46 11.60
CA PRO D 136 11.17 14.47 11.34
C PRO D 136 12.13 14.55 12.54
N LEU D 137 13.32 15.12 12.33
CA LEU D 137 14.21 15.51 13.44
C LEU D 137 13.53 16.46 14.40
N ALA D 138 13.89 16.36 15.68
CA ALA D 138 13.54 17.37 16.67
C ALA D 138 14.81 17.71 17.44
N SER D 139 15.13 18.99 17.55
CA SER D 139 16.31 19.37 18.31
C SER D 139 15.91 20.12 19.56
N THR D 140 16.78 20.11 20.56
CA THR D 140 16.49 20.74 21.83
C THR D 140 16.34 22.26 21.71
N SER D 141 16.86 22.83 20.63
CA SER D 141 16.88 24.28 20.54
C SER D 141 15.53 24.83 20.08
N ASN D 142 14.83 24.05 19.28
CA ASN D 142 13.60 24.56 18.69
C ASN D 142 12.41 23.61 18.78
N SER D 143 12.61 22.42 19.34
CA SER D 143 11.53 21.44 19.37
C SER D 143 11.13 21.08 20.79
N LEU D 144 11.68 21.81 21.76
CA LEU D 144 11.41 21.51 23.15
C LEU D 144 10.30 22.41 23.67
N ASN D 145 9.29 21.79 24.24
CA ASN D 145 8.14 22.50 24.75
C ASN D 145 7.84 22.05 26.17
N GLY D 146 8.33 22.82 27.13
CA GLY D 146 8.24 22.44 28.52
C GLY D 146 9.44 21.58 28.82
N ASP D 147 9.20 20.29 29.06
CA ASP D 147 10.31 19.37 29.27
C ASP D 147 10.38 18.30 28.17
N ALA D 148 9.54 18.43 27.15
CA ALA D 148 9.45 17.38 26.14
C ALA D 148 9.57 17.84 24.69
N LEU D 149 10.25 17.02 23.90
CA LEU D 149 10.31 17.17 22.47
C LEU D 149 9.00 16.70 21.87
N THR D 150 8.49 17.49 20.93
CA THR D 150 7.22 17.19 20.31
C THR D 150 7.45 16.85 18.86
N PHE D 151 6.60 15.98 18.32
CA PHE D 151 6.68 15.60 16.90
C PHE D 151 5.29 15.69 16.29
N THR D 152 5.23 15.97 14.99
CA THR D 152 3.95 16.18 14.33
C THR D 152 3.43 14.90 13.67
N THR D 153 4.22 13.84 13.78
CA THR D 153 3.92 12.59 13.09
C THR D 153 2.68 11.88 13.60
N THR D 154 1.96 11.26 12.66
CA THR D 154 0.83 10.39 12.98
C THR D 154 1.08 9.05 12.32
N PHE D 155 0.82 7.98 13.06
CA PHE D 155 1.01 6.64 12.57
C PHE D 155 -0.27 5.84 12.63
N THR D 156 -0.66 5.25 11.50
CA THR D 156 -1.88 4.48 11.40
C THR D 156 -1.67 3.05 10.88
N LEU D 157 -2.09 2.10 11.70
CA LEU D 157 -2.08 0.71 11.36
C LEU D 157 -3.52 0.33 11.05
N GLN D 158 -3.83 0.05 9.79
CA GLN D 158 -5.20 -0.31 9.45
C GLN D 158 -5.45 -1.81 9.25
N ASP D 159 -6.72 -2.18 9.18
CA ASP D 159 -7.14 -3.58 9.01
C ASP D 159 -6.33 -4.55 9.86
N VAL D 160 -6.30 -4.31 11.16
CA VAL D 160 -5.52 -5.15 12.05
C VAL D 160 -6.39 -5.68 13.18
N SER D 161 -5.97 -6.81 13.77
CA SER D 161 -6.73 -7.44 14.84
C SER D 161 -6.15 -7.13 16.22
N ASN D 162 -6.77 -7.71 17.24
CA ASN D 162 -6.40 -7.44 18.63
C ASN D 162 -4.98 -7.86 19.02
N ASP D 163 -4.28 -8.52 18.11
CA ASP D 163 -2.94 -9.01 18.40
C ASP D 163 -1.84 -8.12 17.80
N PHE D 164 -2.22 -6.93 17.36
CA PHE D 164 -1.28 -6.04 16.71
C PHE D 164 -0.13 -5.71 17.65
N GLU D 165 1.01 -5.38 17.06
CA GLU D 165 2.14 -4.82 17.79
C GLU D 165 2.73 -3.70 16.96
N ILE D 166 3.04 -2.59 17.61
CA ILE D 166 3.76 -1.52 16.95
C ILE D 166 5.06 -1.30 17.71
N ASN D 167 6.19 -1.45 17.03
CA ASN D 167 7.46 -1.23 17.68
C ASN D 167 7.92 0.21 17.61
N ILE D 168 8.19 0.79 18.77
CA ILE D 168 8.70 2.15 18.87
C ILE D 168 10.20 2.16 19.21
N GLU D 169 10.96 2.97 18.49
CA GLU D 169 12.39 3.10 18.74
C GLU D 169 12.72 4.59 18.81
N VAL D 170 13.38 4.98 19.88
CA VAL D 170 13.84 6.36 20.03
C VAL D 170 15.33 6.45 19.71
N TYR D 171 15.70 7.41 18.87
CA TYR D 171 17.09 7.62 18.47
C TYR D 171 17.61 9.01 18.82
N SER D 172 18.88 9.06 19.21
CA SER D 172 19.49 10.35 19.47
C SER D 172 20.82 10.53 18.75
N LEU D 173 21.08 11.78 18.34
CA LEU D 173 22.34 12.15 17.70
C LEU D 173 22.89 13.36 18.45
N VAL D 174 24.17 13.29 18.80
CA VAL D 174 24.86 14.41 19.43
C VAL D 174 25.94 14.88 18.48
N GLN D 175 25.88 16.15 18.06
CA GLN D 175 26.98 16.78 17.33
C GLN D 175 27.77 17.64 18.30
N LYS D 176 28.94 17.15 18.71
CA LYS D 176 29.79 17.86 19.64
C LYS D 176 30.52 18.99 18.92
N LYS D 177 30.53 20.17 19.54
CA LYS D 177 31.13 21.36 18.92
C LYS D 177 32.48 21.68 19.57
N SER D 221 31.42 3.84 -2.16
CA SER D 221 32.25 2.74 -1.67
C SER D 221 32.36 2.76 -0.14
N ALA D 222 32.49 3.96 0.42
CA ALA D 222 32.55 4.12 1.87
C ALA D 222 31.15 4.36 2.46
N VAL D 223 30.33 3.31 2.40
CA VAL D 223 29.01 3.29 3.01
C VAL D 223 29.14 3.36 4.53
N ARG D 224 28.30 4.17 5.18
CA ARG D 224 28.43 4.42 6.61
C ARG D 224 27.28 3.83 7.40
N THR D 225 27.46 3.76 8.72
CA THR D 225 26.35 3.52 9.63
C THR D 225 25.96 4.87 10.25
N SER D 226 24.67 5.10 10.44
CA SER D 226 24.22 6.35 11.03
C SER D 226 24.81 6.55 12.43
N ASN D 227 25.11 7.80 12.77
CA ASN D 227 25.51 8.14 14.13
C ASN D 227 24.32 8.33 15.09
N PHE D 228 23.09 8.30 14.56
CA PHE D 228 21.93 8.22 15.46
C PHE D 228 22.01 6.93 16.26
N ALA D 229 21.94 7.04 17.58
CA ALA D 229 22.03 5.87 18.46
C ALA D 229 20.64 5.52 19.03
N LEU D 230 20.38 4.24 19.23
CA LEU D 230 19.12 3.80 19.83
C LEU D 230 19.15 4.01 21.34
N VAL D 231 18.20 4.78 21.85
CA VAL D 231 18.25 5.18 23.26
C VAL D 231 16.98 4.79 24.02
N GLY D 232 16.13 3.99 23.40
CA GLY D 232 14.92 3.57 24.07
C GLY D 232 13.98 2.84 23.12
N SER D 233 13.14 1.97 23.66
CA SER D 233 12.21 1.26 22.81
C SER D 233 11.00 0.79 23.58
N TYR D 234 9.96 0.48 22.83
CA TYR D 234 8.72 0.06 23.45
C TYR D 234 7.84 -0.63 22.41
N THR D 235 7.17 -1.69 22.82
CA THR D 235 6.22 -2.35 21.93
C THR D 235 4.80 -2.06 22.39
N LEU D 236 4.07 -1.32 21.57
CA LEU D 236 2.66 -1.04 21.87
C LEU D 236 1.80 -2.20 21.37
N SER D 237 0.82 -2.59 22.18
CA SER D 237 -0.13 -3.63 21.82
C SER D 237 -1.51 -3.28 22.40
N LEU D 238 -2.46 -4.20 22.27
CA LEU D 238 -3.81 -3.97 22.77
C LEU D 238 -3.79 -3.54 24.25
N SER D 239 -2.91 -4.15 25.03
CA SER D 239 -2.82 -3.82 26.45
C SER D 239 -2.39 -2.37 26.72
N SER D 240 -1.87 -1.70 25.70
CA SER D 240 -1.40 -0.31 25.85
C SER D 240 -2.55 0.69 25.68
N VAL D 241 -3.62 0.23 25.02
CA VAL D 241 -4.76 1.08 24.72
C VAL D 241 -5.41 1.62 26.00
N GLY D 242 -5.71 2.91 26.00
CA GLY D 242 -6.29 3.56 27.16
C GLY D 242 -5.26 4.36 27.93
N ASN D 243 -4.00 4.19 27.56
CA ASN D 243 -2.90 4.88 28.24
C ASN D 243 -2.21 5.90 27.34
N THR D 244 -1.55 6.88 27.96
CA THR D 244 -0.87 7.93 27.20
C THR D 244 0.58 8.10 27.62
N LYS D 245 1.00 7.34 28.63
CA LYS D 245 2.35 7.46 29.20
C LYS D 245 2.99 6.08 29.27
N PHE D 246 4.20 5.94 28.74
CA PHE D 246 4.84 4.61 28.70
C PHE D 246 6.30 4.65 29.13
N VAL D 247 6.71 3.65 29.91
CA VAL D 247 8.09 3.53 30.34
C VAL D 247 8.94 2.85 29.26
N LEU D 248 9.95 3.56 28.75
CA LEU D 248 10.82 3.02 27.70
C LEU D 248 11.72 1.91 28.23
N ASP D 249 11.91 0.85 27.44
CA ASP D 249 12.90 -0.18 27.74
C ASP D 249 14.24 0.21 27.12
N LYS D 250 15.33 -0.37 27.61
CA LYS D 250 16.63 -0.27 26.93
C LYS D 250 17.16 1.16 26.88
N VAL D 251 16.84 1.95 27.89
CA VAL D 251 17.39 3.28 27.93
C VAL D 251 18.84 3.19 28.43
N PRO D 252 19.81 3.73 27.66
CA PRO D 252 21.22 3.57 28.02
C PRO D 252 21.58 4.30 29.31
N PHE D 253 22.65 3.84 29.94
CA PHE D 253 23.18 4.47 31.15
C PHE D 253 23.50 5.95 30.89
N LEU D 254 23.03 6.82 31.78
CA LEU D 254 23.28 8.26 31.71
C LEU D 254 22.66 8.97 30.51
N SER D 255 21.58 8.41 29.99
CA SER D 255 20.85 9.02 28.90
C SER D 255 20.17 10.33 29.30
N SER D 256 19.95 11.20 28.32
CA SER D 256 19.27 12.47 28.55
C SER D 256 17.76 12.30 28.72
N LEU D 257 17.24 11.13 28.33
CA LEU D 257 15.81 10.85 28.34
C LEU D 257 15.29 10.77 29.76
N GLU D 258 14.15 11.38 30.04
CA GLU D 258 13.53 11.21 31.35
C GLU D 258 13.10 9.75 31.58
N GLY D 259 12.78 9.04 30.50
CA GLY D 259 12.54 7.62 30.63
C GLY D 259 11.18 7.15 30.13
N HIS D 260 10.28 8.11 29.91
CA HIS D 260 8.96 7.82 29.38
C HIS D 260 8.82 8.26 27.93
N ILE D 261 7.82 7.72 27.24
CA ILE D 261 7.34 8.34 26.01
C ILE D 261 5.84 8.64 26.18
N TYR D 262 5.39 9.78 25.68
CA TYR D 262 3.96 10.12 25.73
C TYR D 262 3.41 10.06 24.31
N LEU D 263 2.18 9.56 24.19
CA LEU D 263 1.47 9.58 22.92
C LEU D 263 0.01 9.23 23.11
N LYS D 264 -0.79 9.42 22.08
CA LYS D 264 -2.20 9.05 22.11
C LYS D 264 -2.46 7.88 21.17
N ILE D 265 -3.26 6.94 21.65
CA ILE D 265 -3.65 5.78 20.86
C ILE D 265 -5.13 5.80 20.64
N LYS D 266 -5.52 5.74 19.37
CA LYS D 266 -6.93 5.72 19.01
C LYS D 266 -7.25 4.45 18.24
N CYS D 267 -8.19 3.67 18.78
CA CYS D 267 -8.68 2.49 18.08
C CYS D 267 -10.04 2.76 17.48
N GLN D 268 -10.28 2.17 16.31
CA GLN D 268 -11.51 2.37 15.57
C GLN D 268 -11.83 1.06 14.87
N VAL D 269 -13.06 0.58 15.04
CA VAL D 269 -13.50 -0.60 14.30
C VAL D 269 -13.88 -0.24 12.86
#